data_2QYO
#
_entry.id   2QYO
#
_cell.length_a   44.540
_cell.length_b   82.049
_cell.length_c   101.034
_cell.angle_alpha   90.00
_cell.angle_beta   101.94
_cell.angle_gamma   90.00
#
_symmetry.space_group_name_H-M   'P 1 21 1'
#
loop_
_entity.id
_entity.type
_entity.pdbx_description
1 polymer O-methyltransferase
2 non-polymer 'POTASSIUM ION'
3 non-polymer S-ADENOSYL-L-HOMOCYSTEINE
4 non-polymer 5,7-dihydroxy-3-(4-methoxyphenyl)-4H-chromen-4-one
5 water water
#
_entity_poly.entity_id   1
_entity_poly.type   'polypeptide(L)'
_entity_poly.pdbx_seq_one_letter_code
;MASSINNRKPSEIFKAQALLYKNMYAFVDSMSLKWSIEMNIPNIIHNHGKPITLSNLVSILQIPSTKVDNVQRLMRYLAH
NGFFEIITNQELENEEEAYALTVASELLVKGTELCLAPMVECVLDPTLSTSFHNLKKWVYEEDLTLFAVNLGCDLWEFLN
KNPEYNTLYNDALASDSKMINLAMKDCNLVFEGLESIVDVGGGNGTTGKIICETFPKLTCVVFDRPKVVENLCGSNNLTY
VGGDMFISVPKADAVLLKAVLHDWTDKDCIKILKKCKEAVTSDGKRGKVIVIDMVINEKKDENQLTQIKLLMNVTISCVN
GKERNEEEWKKLFIEAGFQDYKISPFTGLMSLIEIYP
;
_entity_poly.pdbx_strand_id   A,B
#
loop_
_chem_comp.id
_chem_comp.type
_chem_comp.name
_chem_comp.formula
K non-polymer 'POTASSIUM ION' 'K 1'
QSO non-polymer 5,7-dihydroxy-3-(4-methoxyphenyl)-4H-chromen-4-one 'C16 H12 O5'
#
# COMPACT_ATOMS: atom_id res chain seq x y z
N ILE A 5 -2.05 -9.47 21.65
CA ILE A 5 -1.33 -10.70 22.00
C ILE A 5 -1.75 -11.21 23.34
N ASN A 6 -1.42 -10.46 24.36
CA ASN A 6 -1.64 -10.87 25.75
C ASN A 6 -2.83 -11.80 26.14
N ASN A 7 -4.07 -11.79 26.13
CA ASN A 7 -4.47 -13.19 26.48
C ASN A 7 -5.63 -13.27 25.58
N ARG A 8 -5.40 -12.63 24.43
CA ARG A 8 -6.33 -12.47 23.35
C ARG A 8 -6.71 -13.77 22.61
N LYS A 9 -7.90 -13.70 22.00
CA LYS A 9 -8.41 -14.81 21.23
C LYS A 9 -7.55 -14.96 19.98
N PRO A 10 -7.13 -16.19 19.68
CA PRO A 10 -6.29 -16.44 18.49
C PRO A 10 -6.86 -15.73 17.26
N SER A 11 -8.18 -15.76 17.11
CA SER A 11 -8.83 -15.11 15.97
C SER A 11 -8.44 -13.63 15.91
N GLU A 12 -8.42 -12.97 17.06
CA GLU A 12 -8.08 -11.56 17.13
C GLU A 12 -6.61 -11.40 16.73
N ILE A 13 -5.76 -12.29 17.22
CA ILE A 13 -4.34 -12.23 16.89
C ILE A 13 -4.13 -12.44 15.38
N PHE A 14 -4.82 -13.41 14.81
CA PHE A 14 -4.68 -13.69 13.39
C PHE A 14 -5.26 -12.57 12.52
N LYS A 15 -6.28 -11.89 13.01
CA LYS A 15 -6.85 -10.78 12.24
C LYS A 15 -5.77 -9.70 12.19
N ALA A 16 -5.07 -9.52 13.31
CA ALA A 16 -4.00 -8.53 13.36
C ALA A 16 -2.87 -8.93 12.43
N GLN A 17 -2.56 -10.22 12.38
CA GLN A 17 -1.50 -10.70 11.48
C GLN A 17 -1.82 -10.32 10.04
N ALA A 18 -3.08 -10.51 9.64
CA ALA A 18 -3.50 -10.18 8.28
C ALA A 18 -3.31 -8.70 8.02
N LEU A 19 -3.73 -7.86 8.97
CA LEU A 19 -3.59 -6.42 8.82
C LEU A 19 -2.10 -6.07 8.64
N LEU A 20 -1.26 -6.69 9.46
CA LEU A 20 0.17 -6.48 9.39
C LEU A 20 0.70 -6.79 8.01
N TYR A 21 0.31 -7.96 7.48
CA TYR A 21 0.71 -8.41 6.16
C TYR A 21 0.26 -7.46 5.07
N LYS A 22 -0.96 -6.92 5.20
CA LYS A 22 -1.48 -5.99 4.19
C LYS A 22 -0.59 -4.76 4.10
N ASN A 23 -0.17 -4.24 5.24
CA ASN A 23 0.67 -3.05 5.29
C ASN A 23 2.10 -3.39 4.89
N MET A 24 2.56 -4.55 5.31
CA MET A 24 3.91 -4.99 4.97
C MET A 24 4.07 -5.11 3.46
N TYR A 25 3.07 -5.69 2.80
CA TYR A 25 3.10 -5.88 1.35
C TYR A 25 2.38 -4.78 0.57
N ALA A 26 2.05 -3.68 1.23
CA ALA A 26 1.35 -2.59 0.56
C ALA A 26 2.10 -2.05 -0.66
N PHE A 27 3.42 -2.16 -0.65
CA PHE A 27 4.23 -1.67 -1.77
C PHE A 27 3.88 -2.39 -3.06
N VAL A 28 3.33 -3.60 -2.95
CA VAL A 28 2.94 -4.35 -4.15
C VAL A 28 1.74 -3.68 -4.81
N ASP A 29 0.94 -2.95 -4.04
CA ASP A 29 -0.21 -2.23 -4.61
C ASP A 29 0.39 -1.24 -5.60
N SER A 30 1.46 -0.58 -5.17
CA SER A 30 2.14 0.41 -5.99
C SER A 30 2.82 -0.20 -7.22
N MET A 31 3.57 -1.28 -6.99
CA MET A 31 4.30 -1.94 -8.07
C MET A 31 3.38 -2.56 -9.11
N SER A 32 2.22 -3.07 -8.68
CA SER A 32 1.26 -3.66 -9.62
C SER A 32 0.67 -2.55 -10.48
N LEU A 33 0.41 -1.40 -9.85
CA LEU A 33 -0.13 -0.27 -10.60
C LEU A 33 0.90 0.14 -11.64
N LYS A 34 2.14 0.29 -11.19
CA LYS A 34 3.25 0.66 -12.06
C LYS A 34 3.38 -0.35 -13.21
N TRP A 35 3.23 -1.63 -12.88
CA TRP A 35 3.31 -2.67 -13.90
C TRP A 35 2.24 -2.47 -14.98
N SER A 36 1.00 -2.22 -14.58
CA SER A 36 -0.09 -2.03 -15.54
C SER A 36 0.21 -0.87 -16.49
N ILE A 37 0.86 0.17 -15.96
CA ILE A 37 1.21 1.33 -16.76
C ILE A 37 2.39 1.01 -17.70
N GLU A 38 3.41 0.34 -17.18
CA GLU A 38 4.56 -0.01 -18.01
C GLU A 38 4.19 -1.00 -19.11
N MET A 39 3.16 -1.80 -18.87
CA MET A 39 2.69 -2.77 -19.84
C MET A 39 1.74 -2.12 -20.86
N ASN A 40 1.33 -0.89 -20.57
CA ASN A 40 0.42 -0.12 -21.41
C ASN A 40 -0.94 -0.76 -21.53
N ILE A 41 -1.36 -1.45 -20.49
CA ILE A 41 -2.63 -2.14 -20.51
C ILE A 41 -3.81 -1.19 -20.65
N PRO A 42 -3.81 -0.06 -19.92
CA PRO A 42 -4.96 0.84 -20.08
C PRO A 42 -5.12 1.31 -21.54
N ASN A 43 -4.02 1.65 -22.21
CA ASN A 43 -4.10 2.08 -23.61
C ASN A 43 -4.50 0.92 -24.54
N ILE A 44 -4.02 -0.27 -24.23
CA ILE A 44 -4.35 -1.43 -25.05
C ILE A 44 -5.86 -1.66 -24.99
N ILE A 45 -6.43 -1.56 -23.80
CA ILE A 45 -7.85 -1.77 -23.66
C ILE A 45 -8.59 -0.66 -24.40
N HIS A 46 -8.14 0.57 -24.20
CA HIS A 46 -8.76 1.70 -24.88
C HIS A 46 -8.76 1.50 -26.39
N ASN A 47 -7.62 1.07 -26.93
CA ASN A 47 -7.50 0.82 -28.37
C ASN A 47 -8.43 -0.30 -28.82
N HIS A 48 -8.72 -1.23 -27.93
CA HIS A 48 -9.58 -2.37 -28.24
C HIS A 48 -11.04 -1.96 -28.45
N GLY A 49 -11.44 -0.85 -27.83
CA GLY A 49 -12.80 -0.35 -27.98
C GLY A 49 -13.88 -1.10 -27.22
N LYS A 50 -13.48 -2.01 -26.36
CA LYS A 50 -14.43 -2.78 -25.57
C LYS A 50 -13.66 -3.66 -24.59
N PRO A 51 -14.37 -4.34 -23.67
CA PRO A 51 -13.65 -5.19 -22.72
C PRO A 51 -12.80 -6.19 -23.49
N ILE A 52 -11.56 -6.40 -23.03
CA ILE A 52 -10.67 -7.31 -23.71
C ILE A 52 -10.48 -8.62 -22.94
N THR A 53 -10.63 -9.75 -23.64
CA THR A 53 -10.47 -11.06 -23.00
C THR A 53 -9.01 -11.29 -22.62
N LEU A 54 -8.81 -12.11 -21.60
CA LEU A 54 -7.46 -12.44 -21.15
C LEU A 54 -6.62 -12.98 -22.30
N SER A 55 -7.22 -13.86 -23.09
CA SER A 55 -6.49 -14.46 -24.22
C SER A 55 -6.04 -13.43 -25.24
N ASN A 56 -6.93 -12.49 -25.58
CA ASN A 56 -6.57 -11.47 -26.55
C ASN A 56 -5.57 -10.49 -25.93
N LEU A 57 -5.70 -10.26 -24.62
CA LEU A 57 -4.78 -9.34 -23.93
C LEU A 57 -3.36 -9.86 -23.92
N VAL A 58 -3.16 -11.11 -23.49
CA VAL A 58 -1.81 -11.68 -23.45
C VAL A 58 -1.25 -11.92 -24.85
N SER A 59 -2.13 -12.05 -25.83
CA SER A 59 -1.70 -12.27 -27.20
C SER A 59 -1.10 -10.98 -27.76
N ILE A 60 -1.77 -9.86 -27.52
CA ILE A 60 -1.27 -8.57 -27.98
C ILE A 60 0.02 -8.24 -27.24
N LEU A 61 0.06 -8.54 -25.94
CA LEU A 61 1.24 -8.30 -25.12
C LEU A 61 2.35 -9.31 -25.42
N GLN A 62 1.97 -10.46 -25.97
CA GLN A 62 2.90 -11.53 -26.31
C GLN A 62 3.53 -12.09 -25.03
N ILE A 63 2.66 -12.40 -24.08
CA ILE A 63 3.10 -12.95 -22.79
C ILE A 63 3.48 -14.42 -22.94
N PRO A 64 4.66 -14.81 -22.44
CA PRO A 64 5.10 -16.20 -22.51
C PRO A 64 4.03 -17.07 -21.84
N SER A 65 3.82 -18.27 -22.36
CA SER A 65 2.80 -19.17 -21.80
C SER A 65 2.93 -19.44 -20.29
N THR A 66 4.16 -19.56 -19.78
CA THR A 66 4.30 -19.82 -18.35
C THR A 66 4.03 -18.59 -17.48
N LYS A 67 3.75 -17.45 -18.09
CA LYS A 67 3.46 -16.25 -17.31
C LYS A 67 2.04 -15.72 -17.50
N VAL A 68 1.22 -16.46 -18.24
CA VAL A 68 -0.16 -16.02 -18.48
C VAL A 68 -0.98 -16.00 -17.19
N ASP A 69 -0.79 -16.99 -16.33
CA ASP A 69 -1.55 -17.03 -15.07
C ASP A 69 -1.08 -15.93 -14.11
N ASN A 70 0.17 -15.53 -14.24
CA ASN A 70 0.72 -14.48 -13.38
C ASN A 70 0.06 -13.16 -13.76
N VAL A 71 -0.11 -12.95 -15.07
CA VAL A 71 -0.75 -11.73 -15.56
C VAL A 71 -2.19 -11.71 -15.05
N GLN A 72 -2.86 -12.85 -15.14
CA GLN A 72 -4.24 -12.95 -14.68
C GLN A 72 -4.37 -12.58 -13.21
N ARG A 73 -3.46 -13.10 -12.38
CA ARG A 73 -3.49 -12.83 -10.95
C ARG A 73 -3.24 -11.33 -10.69
N LEU A 74 -2.33 -10.74 -11.46
CA LEU A 74 -2.04 -9.33 -11.31
C LEU A 74 -3.29 -8.52 -11.70
N MET A 75 -3.93 -8.91 -12.81
CA MET A 75 -5.12 -8.20 -13.27
C MET A 75 -6.23 -8.35 -12.23
N ARG A 76 -6.33 -9.53 -11.66
CA ARG A 76 -7.36 -9.77 -10.66
C ARG A 76 -7.19 -8.83 -9.46
N TYR A 77 -5.96 -8.67 -8.99
CA TYR A 77 -5.70 -7.80 -7.85
C TYR A 77 -5.99 -6.34 -8.19
N LEU A 78 -5.51 -5.89 -9.35
CA LEU A 78 -5.75 -4.52 -9.78
C LEU A 78 -7.25 -4.27 -9.94
N ALA A 79 -7.99 -5.27 -10.41
CA ALA A 79 -9.44 -5.15 -10.57
C ALA A 79 -10.07 -4.96 -9.19
N HIS A 80 -9.61 -5.76 -8.23
CA HIS A 80 -10.13 -5.69 -6.88
C HIS A 80 -9.93 -4.29 -6.31
N ASN A 81 -8.79 -3.68 -6.62
CA ASN A 81 -8.49 -2.34 -6.12
C ASN A 81 -9.14 -1.21 -6.91
N GLY A 82 -10.02 -1.55 -7.85
CA GLY A 82 -10.72 -0.53 -8.62
C GLY A 82 -10.11 -0.07 -9.93
N PHE A 83 -9.09 -0.76 -10.44
CA PHE A 83 -8.47 -0.32 -11.68
C PHE A 83 -9.01 -0.92 -12.97
N PHE A 84 -9.72 -2.03 -12.85
CA PHE A 84 -10.32 -2.67 -14.00
C PHE A 84 -11.61 -3.31 -13.54
N GLU A 85 -12.50 -3.57 -14.48
CA GLU A 85 -13.76 -4.24 -14.16
C GLU A 85 -13.70 -5.58 -14.88
N ILE A 86 -13.80 -6.67 -14.14
CA ILE A 86 -13.78 -7.98 -14.75
C ILE A 86 -15.18 -8.30 -15.26
N ILE A 87 -15.29 -8.51 -16.57
CA ILE A 87 -16.57 -8.82 -17.20
C ILE A 87 -16.54 -10.30 -17.54
N THR A 88 -17.47 -11.06 -16.99
CA THR A 88 -17.50 -12.48 -17.28
C THR A 88 -18.92 -13.03 -17.18
N ASN A 89 -19.26 -13.89 -18.15
CA ASN A 89 -20.59 -14.50 -18.17
C ASN A 89 -20.62 -15.65 -17.19
N GLN A 90 -21.20 -15.40 -16.02
CA GLN A 90 -21.35 -16.40 -14.96
C GLN A 90 -22.05 -17.63 -15.53
N GLU A 91 -21.79 -18.80 -15.00
CA GLU A 91 -22.54 -19.97 -15.50
C GLU A 91 -22.14 -20.33 -16.90
N LEU A 92 -21.03 -19.86 -17.35
CA LEU A 92 -20.50 -20.26 -18.63
C LEU A 92 -19.02 -20.45 -18.30
N GLU A 93 -18.69 -21.66 -17.90
CA GLU A 93 -17.33 -22.03 -17.53
C GLU A 93 -16.30 -21.87 -18.65
N ASN A 94 -16.49 -22.61 -19.74
CA ASN A 94 -15.58 -22.58 -20.88
C ASN A 94 -15.24 -21.16 -21.36
N GLU A 95 -16.08 -20.19 -21.03
CA GLU A 95 -15.84 -18.81 -21.45
C GLU A 95 -14.92 -18.02 -20.50
N GLU A 96 -13.92 -17.38 -21.09
CA GLU A 96 -12.97 -16.59 -20.32
C GLU A 96 -13.52 -15.24 -19.87
N GLU A 97 -12.78 -14.59 -18.98
CA GLU A 97 -13.17 -13.29 -18.46
C GLU A 97 -12.60 -12.17 -19.34
N ALA A 98 -13.15 -10.97 -19.20
CA ALA A 98 -12.69 -9.83 -19.98
C ALA A 98 -12.41 -8.66 -19.03
N TYR A 99 -11.55 -7.74 -19.47
CA TYR A 99 -11.19 -6.61 -18.64
C TYR A 99 -11.61 -5.28 -19.26
N ALA A 100 -12.40 -4.52 -18.52
CA ALA A 100 -12.87 -3.21 -18.97
C ALA A 100 -12.22 -2.15 -18.09
N LEU A 101 -12.14 -0.94 -18.61
CA LEU A 101 -11.55 0.16 -17.85
C LEU A 101 -12.55 0.69 -16.83
N THR A 102 -12.03 1.36 -15.80
CA THR A 102 -12.84 1.99 -14.78
C THR A 102 -12.44 3.45 -14.89
N VAL A 103 -13.08 4.33 -14.14
CA VAL A 103 -12.70 5.72 -14.22
C VAL A 103 -11.20 5.86 -13.86
N ALA A 104 -10.77 5.08 -12.86
CA ALA A 104 -9.38 5.13 -12.44
C ALA A 104 -8.40 4.76 -13.56
N SER A 105 -8.69 3.70 -14.32
CA SER A 105 -7.78 3.33 -15.40
C SER A 105 -7.94 4.23 -16.63
N GLU A 106 -9.10 4.87 -16.79
CA GLU A 106 -9.27 5.77 -17.91
C GLU A 106 -8.28 6.92 -17.70
N LEU A 107 -8.01 7.23 -16.43
CA LEU A 107 -7.08 8.29 -16.08
C LEU A 107 -5.64 7.83 -16.29
N LEU A 108 -5.46 6.61 -16.78
CA LEU A 108 -4.13 6.07 -17.04
C LEU A 108 -3.91 5.89 -18.54
N VAL A 109 -4.88 6.31 -19.35
CA VAL A 109 -4.76 6.18 -20.79
C VAL A 109 -3.86 7.29 -21.31
N LYS A 110 -2.62 6.92 -21.63
CA LYS A 110 -1.65 7.89 -22.12
C LYS A 110 -2.14 8.62 -23.36
N GLY A 111 -1.86 9.92 -23.43
CA GLY A 111 -2.29 10.70 -24.56
C GLY A 111 -3.52 11.53 -24.27
N THR A 112 -4.18 11.26 -23.15
CA THR A 112 -5.38 12.02 -22.77
C THR A 112 -4.99 13.21 -21.89
N GLU A 113 -5.81 14.25 -21.90
CA GLU A 113 -5.53 15.47 -21.13
C GLU A 113 -5.30 15.30 -19.63
N LEU A 114 -6.07 14.43 -18.99
CA LEU A 114 -5.94 14.24 -17.55
C LEU A 114 -5.02 13.13 -17.08
N CYS A 115 -4.41 12.42 -18.00
CA CYS A 115 -3.59 11.25 -17.68
C CYS A 115 -2.53 11.38 -16.57
N LEU A 116 -2.82 10.60 -15.51
CA LEU A 116 -2.03 10.52 -14.27
C LEU A 116 -0.90 9.49 -14.31
N ALA A 117 -0.77 8.77 -15.42
CA ALA A 117 0.27 7.76 -15.55
C ALA A 117 1.65 8.40 -15.29
N PRO A 118 1.89 9.60 -15.84
CA PRO A 118 3.19 10.28 -15.64
C PRO A 118 3.49 10.52 -14.15
N MET A 119 2.49 11.04 -13.43
CA MET A 119 2.65 11.31 -11.99
C MET A 119 3.03 10.02 -11.27
N VAL A 120 2.36 8.94 -11.63
CA VAL A 120 2.60 7.63 -11.02
C VAL A 120 4.04 7.18 -11.28
N GLU A 121 4.47 7.24 -12.54
CA GLU A 121 5.83 6.82 -12.87
C GLU A 121 6.87 7.70 -12.16
N CYS A 122 6.58 8.98 -11.97
CA CYS A 122 7.52 9.86 -11.29
C CYS A 122 7.63 9.46 -9.82
N VAL A 123 6.49 9.28 -9.18
CA VAL A 123 6.45 8.89 -7.79
C VAL A 123 7.14 7.55 -7.58
N LEU A 124 6.91 6.62 -8.49
CA LEU A 124 7.50 5.30 -8.35
C LEU A 124 8.87 5.09 -8.99
N ASP A 125 9.58 6.19 -9.22
CA ASP A 125 10.92 6.07 -9.77
C ASP A 125 11.71 5.29 -8.73
N PRO A 126 12.40 4.22 -9.14
CA PRO A 126 13.18 3.38 -8.23
C PRO A 126 14.06 4.16 -7.25
N THR A 127 14.86 5.09 -7.77
CA THR A 127 15.76 5.87 -6.93
C THR A 127 15.03 6.70 -5.87
N LEU A 128 13.95 7.38 -6.29
CA LEU A 128 13.20 8.21 -5.37
C LEU A 128 12.39 7.39 -4.36
N SER A 129 11.58 6.46 -4.85
CA SER A 129 10.76 5.65 -3.96
C SER A 129 11.56 4.83 -2.94
N THR A 130 12.73 4.34 -3.33
CA THR A 130 13.53 3.54 -2.40
C THR A 130 14.10 4.37 -1.26
N SER A 131 14.10 5.69 -1.41
CA SER A 131 14.63 6.58 -0.37
C SER A 131 13.83 6.37 0.93
N PHE A 132 12.57 5.97 0.79
CA PHE A 132 11.72 5.77 1.95
C PHE A 132 12.14 4.59 2.82
N HIS A 133 13.13 3.84 2.37
CA HIS A 133 13.66 2.73 3.15
C HIS A 133 14.50 3.32 4.28
N ASN A 134 14.86 4.60 4.15
CA ASN A 134 15.68 5.26 5.15
C ASN A 134 15.01 6.38 5.93
N LEU A 135 13.75 6.19 6.26
CA LEU A 135 13.02 7.19 7.04
C LEU A 135 13.67 7.40 8.40
N LYS A 136 14.24 6.35 8.97
CA LYS A 136 14.90 6.45 10.27
C LYS A 136 16.08 7.43 10.24
N LYS A 137 17.02 7.19 9.34
CA LYS A 137 18.17 8.07 9.24
C LYS A 137 17.70 9.51 9.03
N TRP A 138 16.65 9.67 8.23
CA TRP A 138 16.10 10.98 7.94
C TRP A 138 15.53 11.73 9.15
N VAL A 139 14.78 11.04 10.01
CA VAL A 139 14.20 11.74 11.17
C VAL A 139 15.28 12.16 12.16
N TYR A 140 16.45 11.56 12.07
CA TYR A 140 17.54 11.94 12.97
C TYR A 140 18.42 13.04 12.41
N GLU A 141 18.00 13.66 11.33
CA GLU A 141 18.79 14.74 10.78
C GLU A 141 18.02 16.05 10.81
N GLU A 142 18.66 17.07 11.30
CA GLU A 142 18.02 18.36 11.41
C GLU A 142 17.75 19.00 10.06
N ASP A 143 16.54 19.44 9.82
CA ASP A 143 16.30 20.25 8.60
C ASP A 143 16.34 19.60 7.25
N LEU A 144 17.13 18.55 7.10
CA LEU A 144 17.27 17.91 5.77
C LEU A 144 16.03 17.15 5.31
N THR A 145 15.73 17.29 4.01
CA THR A 145 14.61 16.57 3.39
C THR A 145 15.02 15.13 3.21
N LEU A 146 14.07 14.23 3.01
CA LEU A 146 14.38 12.81 2.82
C LEU A 146 15.37 12.57 1.68
N PHE A 147 15.18 13.26 0.56
CA PHE A 147 16.07 13.09 -0.58
C PHE A 147 17.46 13.65 -0.33
N ALA A 148 17.53 14.78 0.35
CA ALA A 148 18.83 15.37 0.66
C ALA A 148 19.62 14.35 1.48
N VAL A 149 18.92 13.67 2.39
CA VAL A 149 19.55 12.67 3.23
C VAL A 149 19.95 11.42 2.46
N ASN A 150 19.01 10.90 1.68
CA ASN A 150 19.23 9.67 0.94
C ASN A 150 19.98 9.77 -0.39
N LEU A 151 19.80 10.86 -1.12
CA LEU A 151 20.45 11.01 -2.41
C LEU A 151 21.56 12.05 -2.46
N GLY A 152 21.68 12.83 -1.40
CA GLY A 152 22.71 13.86 -1.35
C GLY A 152 22.43 15.03 -2.28
N CYS A 153 21.19 15.15 -2.72
CA CYS A 153 20.81 16.24 -3.60
C CYS A 153 19.32 16.49 -3.47
N ASP A 154 18.86 17.63 -3.98
CA ASP A 154 17.44 17.95 -3.93
C ASP A 154 16.78 17.55 -5.24
N LEU A 155 15.46 17.39 -5.21
CA LEU A 155 14.71 17.00 -6.39
C LEU A 155 15.06 17.82 -7.63
N TRP A 156 15.39 19.09 -7.43
CA TRP A 156 15.75 19.95 -8.55
C TRP A 156 16.99 19.42 -9.26
N GLU A 157 18.01 19.06 -8.47
CA GLU A 157 19.24 18.53 -9.03
C GLU A 157 18.99 17.16 -9.64
N PHE A 158 18.12 16.38 -9.00
CA PHE A 158 17.80 15.05 -9.50
C PHE A 158 17.19 15.20 -10.89
N LEU A 159 16.26 16.14 -11.01
CA LEU A 159 15.58 16.41 -12.27
C LEU A 159 16.59 16.73 -13.36
N ASN A 160 17.56 17.58 -13.02
CA ASN A 160 18.57 18.00 -13.97
C ASN A 160 19.47 16.88 -14.49
N LYS A 161 19.68 15.83 -13.69
CA LYS A 161 20.54 14.73 -14.12
C LYS A 161 19.76 13.47 -14.45
N ASN A 162 18.47 13.62 -14.73
CA ASN A 162 17.63 12.48 -15.07
C ASN A 162 16.56 12.86 -16.10
N PRO A 163 16.94 12.92 -17.38
CA PRO A 163 16.07 13.26 -18.51
C PRO A 163 14.78 12.46 -18.59
N GLU A 164 14.86 11.15 -18.32
CA GLU A 164 13.69 10.28 -18.35
C GLU A 164 12.66 10.83 -17.40
N TYR A 165 13.10 11.07 -16.17
CA TYR A 165 12.24 11.59 -15.11
C TYR A 165 11.73 12.98 -15.49
N ASN A 166 12.63 13.84 -15.97
CA ASN A 166 12.27 15.19 -16.36
C ASN A 166 11.13 15.18 -17.37
N THR A 167 11.19 14.25 -18.32
CA THR A 167 10.16 14.11 -19.35
C THR A 167 8.83 13.78 -18.69
N LEU A 168 8.86 12.82 -17.75
CA LEU A 168 7.66 12.41 -17.05
C LEU A 168 7.15 13.57 -16.18
N TYR A 169 8.08 14.22 -15.48
CA TYR A 169 7.74 15.35 -14.63
C TYR A 169 6.94 16.41 -15.39
N ASN A 170 7.41 16.74 -16.58
CA ASN A 170 6.74 17.74 -17.40
C ASN A 170 5.40 17.26 -17.89
N ASP A 171 5.27 15.97 -18.20
CA ASP A 171 3.98 15.46 -18.65
C ASP A 171 3.03 15.55 -17.45
N ALA A 172 3.54 15.20 -16.27
CA ALA A 172 2.71 15.26 -15.06
C ALA A 172 2.22 16.67 -14.79
N LEU A 173 3.06 17.67 -15.04
CA LEU A 173 2.67 19.05 -14.82
C LEU A 173 1.55 19.45 -15.77
N ALA A 174 1.66 19.02 -17.03
CA ALA A 174 0.64 19.33 -18.02
C ALA A 174 -0.69 18.71 -17.60
N SER A 175 -0.67 17.44 -17.24
CA SER A 175 -1.88 16.75 -16.82
C SER A 175 -2.53 17.41 -15.60
N ASP A 176 -1.72 17.79 -14.62
CA ASP A 176 -2.24 18.43 -13.41
C ASP A 176 -2.85 19.79 -13.77
N SER A 177 -2.31 20.41 -14.80
CA SER A 177 -2.81 21.69 -15.28
C SER A 177 -4.25 21.49 -15.74
N LYS A 178 -4.49 20.41 -16.48
CA LYS A 178 -5.84 20.09 -16.98
C LYS A 178 -6.77 19.77 -15.82
N MET A 179 -6.23 19.18 -14.76
CA MET A 179 -7.05 18.82 -13.61
C MET A 179 -7.53 20.09 -12.89
N ILE A 180 -6.63 21.07 -12.75
CA ILE A 180 -6.98 22.35 -12.10
C ILE A 180 -8.02 23.07 -12.95
N ASN A 181 -7.84 23.00 -14.27
CA ASN A 181 -8.78 23.64 -15.19
C ASN A 181 -10.18 23.04 -14.98
N LEU A 182 -10.24 21.72 -14.93
CA LEU A 182 -11.50 21.02 -14.71
C LEU A 182 -12.12 21.48 -13.39
N ALA A 183 -11.27 21.58 -12.38
CA ALA A 183 -11.68 22.00 -11.05
C ALA A 183 -12.23 23.42 -11.04
N MET A 184 -11.53 24.33 -11.72
CA MET A 184 -11.93 25.73 -11.78
C MET A 184 -13.32 25.96 -12.38
N LYS A 185 -13.76 25.08 -13.27
CA LYS A 185 -15.07 25.23 -13.90
C LYS A 185 -16.26 25.27 -12.95
N ASP A 186 -16.16 24.59 -11.81
CA ASP A 186 -17.27 24.59 -10.85
C ASP A 186 -17.12 25.63 -9.75
N CYS A 187 -16.18 26.56 -9.91
CA CYS A 187 -15.94 27.57 -8.89
C CYS A 187 -16.53 28.94 -9.23
N ASN A 188 -17.44 28.96 -10.20
CA ASN A 188 -18.07 30.22 -10.62
C ASN A 188 -18.64 31.02 -9.44
N LEU A 189 -19.21 30.35 -8.46
CA LEU A 189 -19.76 31.06 -7.31
C LEU A 189 -18.67 31.80 -6.55
N VAL A 190 -17.45 31.29 -6.64
CA VAL A 190 -16.32 31.91 -5.95
C VAL A 190 -15.72 33.08 -6.73
N PHE A 191 -15.63 32.92 -8.05
CA PHE A 191 -14.97 33.94 -8.88
C PHE A 191 -15.86 34.88 -9.70
N GLU A 192 -16.99 34.36 -10.11
CA GLU A 192 -17.87 35.10 -10.99
C GLU A 192 -18.21 36.52 -10.66
N GLY A 193 -18.09 36.98 -9.42
CA GLY A 193 -18.42 38.36 -9.05
C GLY A 193 -17.17 39.25 -8.87
N LEU A 194 -15.99 38.69 -9.09
CA LEU A 194 -14.75 39.44 -8.92
C LEU A 194 -14.35 40.19 -10.20
N GLU A 195 -13.76 41.37 -10.03
CA GLU A 195 -13.31 42.14 -11.19
C GLU A 195 -11.79 41.97 -11.35
N SER A 196 -11.11 41.66 -10.25
CA SER A 196 -9.67 41.47 -10.29
C SER A 196 -9.20 40.47 -9.25
N ILE A 197 -8.11 39.78 -9.57
CA ILE A 197 -7.54 38.80 -8.66
C ILE A 197 -6.02 38.76 -8.82
N VAL A 198 -5.34 38.45 -7.73
CA VAL A 198 -3.90 38.34 -7.76
C VAL A 198 -3.55 36.93 -7.32
N ASP A 199 -2.82 36.21 -8.16
CA ASP A 199 -2.40 34.86 -7.83
C ASP A 199 -1.02 34.98 -7.18
N VAL A 200 -1.01 34.97 -5.85
CA VAL A 200 0.22 35.10 -5.06
C VAL A 200 1.03 33.80 -5.10
N GLY A 201 2.25 33.90 -5.61
CA GLY A 201 3.08 32.72 -5.75
C GLY A 201 2.54 32.01 -6.98
N GLY A 202 2.11 32.79 -7.96
CA GLY A 202 1.52 32.26 -9.17
C GLY A 202 2.42 31.56 -10.17
N GLY A 203 3.73 31.57 -9.93
CA GLY A 203 4.66 30.91 -10.83
C GLY A 203 4.64 31.45 -12.25
N ASN A 204 4.64 30.55 -13.23
CA ASN A 204 4.65 30.95 -14.63
C ASN A 204 3.30 31.40 -15.16
N GLY A 205 2.33 31.56 -14.26
CA GLY A 205 1.02 32.01 -14.68
C GLY A 205 0.08 30.96 -15.24
N THR A 206 0.48 29.69 -15.20
CA THR A 206 -0.38 28.63 -15.71
C THR A 206 -1.77 28.72 -15.08
N THR A 207 -1.82 28.90 -13.77
CA THR A 207 -3.08 28.99 -13.06
C THR A 207 -3.84 30.26 -13.45
N GLY A 208 -3.13 31.38 -13.55
CA GLY A 208 -3.77 32.63 -13.91
C GLY A 208 -4.45 32.55 -15.26
N LYS A 209 -3.83 31.84 -16.20
CA LYS A 209 -4.40 31.70 -17.53
C LYS A 209 -5.69 30.90 -17.44
N ILE A 210 -5.67 29.82 -16.67
CA ILE A 210 -6.86 28.99 -16.51
C ILE A 210 -7.98 29.87 -15.97
N ILE A 211 -7.65 30.66 -14.95
CA ILE A 211 -8.64 31.55 -14.35
C ILE A 211 -9.22 32.53 -15.37
N CYS A 212 -8.34 33.17 -16.14
CA CYS A 212 -8.77 34.14 -17.14
C CYS A 212 -9.62 33.52 -18.26
N GLU A 213 -9.26 32.34 -18.71
CA GLU A 213 -10.02 31.68 -19.77
C GLU A 213 -11.39 31.24 -19.24
N THR A 214 -11.42 30.85 -17.97
CA THR A 214 -12.65 30.40 -17.34
C THR A 214 -13.58 31.57 -17.00
N PHE A 215 -12.99 32.67 -16.52
CA PHE A 215 -13.74 33.87 -16.15
C PHE A 215 -13.18 35.03 -16.96
N PRO A 216 -13.60 35.14 -18.24
CA PRO A 216 -13.20 36.15 -19.23
C PRO A 216 -13.24 37.61 -18.80
N LYS A 217 -14.11 37.95 -17.84
CA LYS A 217 -14.23 39.32 -17.37
C LYS A 217 -13.26 39.68 -16.25
N LEU A 218 -12.67 38.67 -15.62
CA LEU A 218 -11.74 38.85 -14.52
C LEU A 218 -10.31 39.17 -14.95
N THR A 219 -9.72 40.19 -14.33
CA THR A 219 -8.33 40.56 -14.64
C THR A 219 -7.46 39.85 -13.61
N CYS A 220 -6.34 39.28 -14.06
CA CYS A 220 -5.48 38.55 -13.14
C CYS A 220 -4.02 38.99 -13.17
N VAL A 221 -3.45 39.14 -11.99
CA VAL A 221 -2.07 39.52 -11.85
C VAL A 221 -1.34 38.30 -11.30
N VAL A 222 -0.39 37.78 -12.06
CA VAL A 222 0.40 36.65 -11.59
C VAL A 222 1.55 37.29 -10.82
N PHE A 223 1.56 37.05 -9.51
CA PHE A 223 2.58 37.62 -8.63
C PHE A 223 3.53 36.57 -8.04
N ASP A 224 4.82 36.75 -8.28
CA ASP A 224 5.82 35.82 -7.77
C ASP A 224 7.17 36.55 -7.66
N ARG A 225 8.24 35.81 -7.39
CA ARG A 225 9.56 36.40 -7.30
C ARG A 225 10.00 36.92 -8.67
N PRO A 226 10.76 38.04 -8.70
CA PRO A 226 11.24 38.61 -9.96
C PRO A 226 11.80 37.62 -10.95
N LYS A 227 12.73 36.77 -10.50
CA LYS A 227 13.36 35.79 -11.37
C LYS A 227 12.38 34.75 -11.91
N VAL A 228 11.28 34.53 -11.21
CA VAL A 228 10.30 33.56 -11.66
C VAL A 228 9.47 34.12 -12.82
N VAL A 229 9.10 35.39 -12.73
CA VAL A 229 8.30 36.01 -13.79
C VAL A 229 9.16 36.88 -14.73
N GLU A 230 10.47 36.73 -14.59
CA GLU A 230 11.51 37.49 -15.33
C GLU A 230 11.24 37.94 -16.76
N ASN A 231 11.09 37.05 -17.70
CA ASN A 231 10.83 37.53 -19.05
C ASN A 231 9.49 36.99 -19.55
N LEU A 232 8.48 36.98 -18.69
CA LEU A 232 7.16 36.48 -19.08
C LEU A 232 6.31 37.65 -19.57
N CYS A 233 5.59 37.44 -20.65
CA CYS A 233 4.73 38.48 -21.21
C CYS A 233 3.27 38.22 -20.86
N GLY A 234 2.63 39.22 -20.27
CA GLY A 234 1.18 39.14 -19.82
C GLY A 234 0.30 39.49 -21.09
N SER A 235 -0.95 39.12 -21.21
CA SER A 235 -1.65 39.48 -22.43
C SER A 235 -3.15 39.66 -22.14
N ASN A 236 -3.89 40.60 -22.70
CA ASN A 236 -5.35 40.63 -22.41
C ASN A 236 -5.83 40.38 -20.94
N ASN A 237 -5.66 41.20 -19.94
CA ASN A 237 -6.26 40.65 -18.71
C ASN A 237 -5.34 39.73 -17.97
N LEU A 238 -4.14 39.48 -18.43
CA LEU A 238 -3.31 38.73 -17.53
C LEU A 238 -1.99 39.45 -17.54
N THR A 239 -1.46 39.78 -16.36
CA THR A 239 -0.16 40.44 -16.31
C THR A 239 0.70 39.81 -15.23
N TYR A 240 1.99 40.12 -15.27
CA TYR A 240 2.95 39.60 -14.31
C TYR A 240 3.55 40.72 -13.48
N VAL A 241 3.75 40.48 -12.20
CA VAL A 241 4.35 41.45 -11.31
C VAL A 241 5.35 40.70 -10.43
N GLY A 242 6.57 41.21 -10.31
CA GLY A 242 7.57 40.56 -9.49
C GLY A 242 7.63 41.21 -8.12
N GLY A 243 7.84 40.42 -7.08
CA GLY A 243 7.90 40.99 -5.74
C GLY A 243 8.11 39.96 -4.65
N ASP A 244 7.89 40.39 -3.40
CA ASP A 244 8.06 39.54 -2.22
C ASP A 244 6.75 39.59 -1.44
N MET A 245 6.03 38.47 -1.40
CA MET A 245 4.75 38.43 -0.68
C MET A 245 4.85 38.79 0.79
N PHE A 246 6.03 38.67 1.38
CA PHE A 246 6.20 39.02 2.80
C PHE A 246 6.35 40.52 2.99
N ILE A 247 6.64 41.23 1.92
CA ILE A 247 6.81 42.68 1.97
C ILE A 247 5.54 43.40 1.55
N SER A 248 4.97 42.98 0.42
CA SER A 248 3.75 43.60 -0.08
C SER A 248 3.12 42.77 -1.19
N VAL A 249 1.79 42.77 -1.23
CA VAL A 249 1.04 42.03 -2.24
C VAL A 249 0.19 43.00 -3.05
N PRO A 250 0.18 42.85 -4.37
CA PRO A 250 -0.63 43.73 -5.24
C PRO A 250 -2.09 43.76 -4.80
N LYS A 251 -2.68 44.95 -4.85
CA LYS A 251 -4.08 45.13 -4.45
C LYS A 251 -5.04 44.52 -5.48
N ALA A 252 -6.15 43.99 -4.99
CA ALA A 252 -7.17 43.38 -5.86
C ALA A 252 -8.40 43.00 -5.03
N ASP A 253 -9.46 42.57 -5.72
CA ASP A 253 -10.69 42.17 -5.03
C ASP A 253 -10.44 40.88 -4.27
N ALA A 254 -9.55 40.04 -4.80
CA ALA A 254 -9.24 38.78 -4.17
C ALA A 254 -7.81 38.37 -4.39
N VAL A 255 -7.31 37.53 -3.48
CA VAL A 255 -5.96 37.02 -3.56
C VAL A 255 -6.09 35.50 -3.61
N LEU A 256 -5.25 34.85 -4.41
CA LEU A 256 -5.28 33.39 -4.49
C LEU A 256 -3.94 32.85 -4.05
N LEU A 257 -3.98 31.85 -3.16
CA LEU A 257 -2.79 31.19 -2.66
C LEU A 257 -3.02 29.70 -2.92
N LYS A 258 -2.51 29.21 -4.04
CA LYS A 258 -2.69 27.81 -4.41
C LYS A 258 -1.42 27.00 -4.23
N ALA A 259 -1.47 26.02 -3.32
CA ALA A 259 -0.33 25.17 -3.07
C ALA A 259 0.87 26.01 -2.66
N VAL A 260 0.61 27.07 -1.90
CA VAL A 260 1.66 27.95 -1.42
C VAL A 260 1.90 27.77 0.08
N LEU A 261 0.85 27.97 0.87
CA LEU A 261 0.94 27.88 2.33
C LEU A 261 1.42 26.54 2.90
N HIS A 262 1.27 25.45 2.14
CA HIS A 262 1.72 24.16 2.66
C HIS A 262 3.24 24.06 2.67
N ASP A 263 3.92 25.04 2.07
CA ASP A 263 5.38 25.04 2.04
C ASP A 263 5.97 25.86 3.18
N TRP A 264 5.12 26.49 3.99
CA TRP A 264 5.60 27.34 5.08
C TRP A 264 5.12 26.97 6.47
N THR A 265 5.89 27.37 7.47
CA THR A 265 5.56 27.12 8.87
C THR A 265 4.37 28.02 9.22
N ASP A 266 3.75 27.76 10.36
CA ASP A 266 2.60 28.56 10.80
C ASP A 266 2.97 30.03 10.89
N LYS A 267 4.12 30.34 11.48
CA LYS A 267 4.57 31.72 11.61
C LYS A 267 4.61 32.46 10.27
N ASP A 268 5.18 31.81 9.26
CA ASP A 268 5.26 32.45 7.95
C ASP A 268 3.91 32.57 7.27
N CYS A 269 3.06 31.55 7.38
CA CYS A 269 1.73 31.61 6.78
C CYS A 269 0.95 32.80 7.33
N ILE A 270 1.03 33.01 8.64
CA ILE A 270 0.31 34.13 9.26
C ILE A 270 0.76 35.45 8.64
N LYS A 271 2.07 35.61 8.47
CA LYS A 271 2.63 36.82 7.87
C LYS A 271 2.12 36.99 6.45
N ILE A 272 2.16 35.91 5.68
CA ILE A 272 1.68 35.91 4.31
C ILE A 272 0.21 36.31 4.29
N LEU A 273 -0.59 35.65 5.12
CA LEU A 273 -2.02 35.93 5.20
C LEU A 273 -2.29 37.39 5.57
N LYS A 274 -1.47 37.95 6.45
CA LYS A 274 -1.66 39.35 6.85
C LYS A 274 -1.45 40.27 5.65
N LYS A 275 -0.42 39.98 4.85
CA LYS A 275 -0.13 40.80 3.68
C LYS A 275 -1.24 40.68 2.65
N CYS A 276 -1.78 39.47 2.52
CA CYS A 276 -2.87 39.25 1.57
C CYS A 276 -4.12 40.00 2.04
N LYS A 277 -4.40 39.94 3.35
CA LYS A 277 -5.57 40.63 3.89
C LYS A 277 -5.40 42.11 3.58
N GLU A 278 -4.19 42.62 3.74
CA GLU A 278 -3.88 44.00 3.47
C GLU A 278 -4.19 44.32 2.02
N ALA A 279 -3.80 43.41 1.14
CA ALA A 279 -4.01 43.58 -0.29
C ALA A 279 -5.47 43.68 -0.72
N VAL A 280 -6.37 43.07 0.04
CA VAL A 280 -7.79 43.10 -0.33
C VAL A 280 -8.67 44.00 0.53
N THR A 281 -8.06 44.77 1.42
CA THR A 281 -8.83 45.67 2.29
C THR A 281 -8.37 47.12 2.22
N SER A 282 -7.79 47.50 1.08
CA SER A 282 -7.31 48.88 0.91
C SER A 282 -8.31 49.70 0.11
N ASP A 283 -8.11 51.01 0.06
CA ASP A 283 -8.99 51.90 -0.68
C ASP A 283 -10.41 51.80 -0.15
N GLY A 284 -10.54 51.41 1.11
CA GLY A 284 -11.86 51.26 1.70
C GLY A 284 -12.62 50.07 1.14
N LYS A 285 -11.89 49.14 0.54
CA LYS A 285 -12.51 47.94 -0.03
C LYS A 285 -12.38 46.76 0.92
N ARG A 286 -13.25 45.76 0.73
CA ARG A 286 -13.24 44.57 1.57
C ARG A 286 -13.42 43.29 0.75
N GLY A 287 -12.32 42.80 0.19
CA GLY A 287 -12.37 41.60 -0.62
C GLY A 287 -12.21 40.34 0.20
N LYS A 288 -11.59 39.32 -0.39
CA LYS A 288 -11.39 38.06 0.32
C LYS A 288 -10.13 37.37 -0.16
N VAL A 289 -9.66 36.43 0.64
CA VAL A 289 -8.46 35.67 0.31
C VAL A 289 -8.90 34.24 0.00
N ILE A 290 -8.43 33.70 -1.11
CA ILE A 290 -8.77 32.35 -1.49
C ILE A 290 -7.55 31.47 -1.32
N VAL A 291 -7.71 30.37 -0.60
CA VAL A 291 -6.61 29.43 -0.38
C VAL A 291 -7.01 28.08 -0.97
N ILE A 292 -6.18 27.54 -1.85
CA ILE A 292 -6.46 26.23 -2.42
C ILE A 292 -5.36 25.31 -1.93
N ASP A 293 -5.72 24.42 -1.02
CA ASP A 293 -4.78 23.46 -0.47
C ASP A 293 -5.60 22.37 0.22
N MET A 294 -4.89 21.37 0.74
CA MET A 294 -5.55 20.27 1.42
C MET A 294 -6.09 20.67 2.77
N VAL A 295 -7.27 20.16 3.11
CA VAL A 295 -7.87 20.41 4.42
C VAL A 295 -8.18 19.04 5.00
N ILE A 296 -7.45 18.71 6.03
CA ILE A 296 -7.67 17.46 6.73
C ILE A 296 -8.75 17.64 7.76
N ASN A 297 -9.61 16.68 7.86
CA ASN A 297 -10.69 16.74 8.79
C ASN A 297 -11.13 15.32 9.04
N GLU A 298 -10.70 14.65 10.07
CA GLU A 298 -11.15 13.26 10.16
C GLU A 298 -12.62 13.15 10.55
N LYS A 299 -13.22 14.25 10.98
CA LYS A 299 -14.62 14.25 11.41
C LYS A 299 -15.59 14.44 10.25
N LYS A 300 -15.14 15.11 9.19
CA LYS A 300 -16.02 15.37 8.05
C LYS A 300 -15.80 14.47 6.84
N ASP A 301 -14.56 14.06 6.60
CA ASP A 301 -14.26 13.22 5.44
C ASP A 301 -14.51 11.73 5.65
N GLU A 302 -14.69 11.01 4.56
CA GLU A 302 -14.87 9.57 4.63
C GLU A 302 -13.53 9.00 5.09
N ASN A 303 -13.55 7.87 5.77
CA ASN A 303 -12.34 7.25 6.27
C ASN A 303 -11.27 7.04 5.21
N GLN A 304 -11.68 6.62 4.01
CA GLN A 304 -10.75 6.38 2.91
C GLN A 304 -10.10 7.68 2.42
N LEU A 305 -10.85 8.78 2.53
CA LEU A 305 -10.33 10.07 2.11
C LEU A 305 -9.33 10.56 3.13
N THR A 306 -9.68 10.43 4.41
CA THR A 306 -8.78 10.86 5.46
C THR A 306 -7.46 10.08 5.33
N GLN A 307 -7.55 8.80 4.97
CA GLN A 307 -6.35 7.99 4.84
C GLN A 307 -5.34 8.54 3.84
N ILE A 308 -5.81 8.90 2.64
CA ILE A 308 -4.89 9.43 1.65
C ILE A 308 -4.37 10.80 2.06
N LYS A 309 -5.23 11.61 2.68
CA LYS A 309 -4.77 12.92 3.12
C LYS A 309 -3.68 12.75 4.19
N LEU A 310 -3.87 11.81 5.11
CA LEU A 310 -2.88 11.56 6.15
C LEU A 310 -1.60 11.04 5.52
N LEU A 311 -1.74 10.19 4.51
CA LEU A 311 -0.61 9.63 3.81
C LEU A 311 0.15 10.80 3.18
N MET A 312 -0.57 11.68 2.50
CA MET A 312 0.03 12.84 1.85
C MET A 312 0.76 13.79 2.80
N ASN A 313 0.25 13.91 4.02
CA ASN A 313 0.89 14.78 5.00
C ASN A 313 2.25 14.17 5.32
N VAL A 314 2.32 12.84 5.35
CA VAL A 314 3.59 12.16 5.61
C VAL A 314 4.55 12.38 4.44
N THR A 315 4.08 12.12 3.22
CA THR A 315 4.94 12.30 2.05
C THR A 315 5.46 13.72 1.87
N ILE A 316 4.57 14.71 2.00
CA ILE A 316 5.03 16.09 1.84
C ILE A 316 5.99 16.49 2.96
N SER A 317 5.86 15.87 4.14
CA SER A 317 6.75 16.21 5.24
C SER A 317 8.17 15.87 4.84
N CYS A 318 8.32 14.89 3.94
CA CYS A 318 9.62 14.45 3.49
C CYS A 318 10.34 15.52 2.67
N VAL A 319 9.60 16.55 2.26
CA VAL A 319 10.18 17.65 1.52
C VAL A 319 9.95 18.94 2.31
N ASN A 320 9.79 18.77 3.62
CA ASN A 320 9.58 19.87 4.56
C ASN A 320 8.31 20.69 4.35
N GLY A 321 7.28 20.04 3.83
CA GLY A 321 6.00 20.69 3.62
C GLY A 321 5.07 20.28 4.72
N LYS A 322 3.87 20.85 4.76
CA LYS A 322 2.92 20.51 5.81
C LYS A 322 1.48 20.70 5.36
N GLU A 323 0.66 19.66 5.54
CA GLU A 323 -0.75 19.76 5.19
C GLU A 323 -1.44 20.02 6.54
N ARG A 324 -2.51 20.81 6.52
CA ARG A 324 -3.18 21.17 7.76
C ARG A 324 -4.63 20.70 7.86
N ASN A 325 -5.07 20.42 9.09
CA ASN A 325 -6.47 20.03 9.28
C ASN A 325 -7.24 21.32 9.49
N GLU A 326 -8.57 21.26 9.43
CA GLU A 326 -9.38 22.45 9.55
C GLU A 326 -9.11 23.34 10.77
N GLU A 327 -8.90 22.72 11.92
CA GLU A 327 -8.65 23.48 13.14
C GLU A 327 -7.36 24.29 12.99
N GLU A 328 -6.33 23.66 12.44
CA GLU A 328 -5.06 24.33 12.22
C GLU A 328 -5.24 25.54 11.29
N TRP A 329 -6.03 25.36 10.23
CA TRP A 329 -6.28 26.47 9.31
C TRP A 329 -6.97 27.59 10.07
N LYS A 330 -8.01 27.24 10.83
CA LYS A 330 -8.77 28.20 11.63
C LYS A 330 -7.85 29.02 12.52
N LYS A 331 -6.91 28.35 13.17
CA LYS A 331 -5.95 29.02 14.05
C LYS A 331 -5.23 30.11 13.26
N LEU A 332 -4.68 29.72 12.11
CA LEU A 332 -3.94 30.65 11.27
C LEU A 332 -4.78 31.87 10.90
N PHE A 333 -6.01 31.61 10.46
CA PHE A 333 -6.89 32.70 10.05
C PHE A 333 -7.14 33.69 11.20
N ILE A 334 -7.43 33.17 12.38
CA ILE A 334 -7.67 34.02 13.54
C ILE A 334 -6.42 34.85 13.84
N GLU A 335 -5.27 34.18 13.89
CA GLU A 335 -4.03 34.87 14.17
C GLU A 335 -3.72 35.95 13.12
N ALA A 336 -4.16 35.72 11.89
CA ALA A 336 -3.92 36.68 10.81
C ALA A 336 -4.90 37.84 10.83
N GLY A 337 -5.88 37.78 11.72
CA GLY A 337 -6.83 38.86 11.82
C GLY A 337 -8.05 38.78 10.92
N PHE A 338 -8.39 37.58 10.47
CA PHE A 338 -9.56 37.40 9.61
C PHE A 338 -10.79 37.17 10.46
N GLN A 339 -11.96 37.49 9.90
CA GLN A 339 -13.22 37.35 10.62
C GLN A 339 -13.89 35.98 10.48
N ASP A 340 -13.83 35.39 9.29
CA ASP A 340 -14.45 34.09 9.10
C ASP A 340 -13.93 33.42 7.83
N TYR A 341 -14.36 32.18 7.60
CA TYR A 341 -13.93 31.43 6.44
C TYR A 341 -14.97 30.42 5.99
N LYS A 342 -14.81 29.94 4.77
CA LYS A 342 -15.71 28.94 4.23
C LYS A 342 -14.89 27.98 3.40
N ILE A 343 -15.15 26.68 3.54
CA ILE A 343 -14.42 25.68 2.79
C ILE A 343 -15.32 25.01 1.77
N SER A 344 -14.83 24.86 0.55
CA SER A 344 -15.58 24.21 -0.51
C SER A 344 -14.66 23.20 -1.20
N PRO A 345 -15.21 22.18 -1.89
CA PRO A 345 -14.39 21.24 -2.70
C PRO A 345 -13.67 21.83 -3.88
N PHE A 346 -12.44 21.38 -4.11
CA PHE A 346 -11.76 21.77 -5.34
C PHE A 346 -11.47 20.54 -6.17
N THR A 347 -10.65 19.70 -5.68
CA THR A 347 -10.37 18.49 -6.39
C THR A 347 -10.65 17.38 -5.38
N GLY A 348 -10.25 16.14 -5.67
CA GLY A 348 -10.43 15.07 -4.73
C GLY A 348 -9.51 15.14 -3.50
N LEU A 349 -8.44 15.93 -3.58
CA LEU A 349 -7.49 16.02 -2.49
C LEU A 349 -7.34 17.44 -1.96
N MET A 350 -7.57 18.43 -2.81
CA MET A 350 -7.47 19.81 -2.40
C MET A 350 -8.85 20.45 -2.28
N SER A 351 -8.97 21.41 -1.37
CA SER A 351 -10.22 22.10 -1.17
C SER A 351 -9.98 23.58 -1.46
N LEU A 352 -11.05 24.34 -1.55
CA LEU A 352 -10.92 25.78 -1.80
C LEU A 352 -11.44 26.49 -0.56
N ILE A 353 -10.62 27.34 0.01
CA ILE A 353 -11.00 28.08 1.21
C ILE A 353 -11.11 29.58 0.94
N GLU A 354 -12.26 30.14 1.30
CA GLU A 354 -12.49 31.56 1.16
C GLU A 354 -12.36 32.15 2.56
N ILE A 355 -11.45 33.11 2.72
CA ILE A 355 -11.22 33.74 4.02
C ILE A 355 -11.67 35.20 3.95
N TYR A 356 -12.51 35.61 4.90
CA TYR A 356 -13.01 36.97 4.92
C TYR A 356 -12.41 37.83 6.02
N PRO A 357 -11.87 39.00 5.65
CA PRO A 357 -11.25 39.95 6.57
C PRO A 357 -12.23 40.62 7.52
N ASN B 6 -15.19 8.77 -22.99
CA ASN B 6 -14.80 8.86 -21.56
C ASN B 6 -15.37 10.12 -20.90
N ASN B 7 -16.68 10.30 -21.00
CA ASN B 7 -17.37 11.44 -20.41
C ASN B 7 -17.82 11.11 -19.00
N ARG B 8 -17.02 11.52 -18.02
CA ARG B 8 -17.33 11.27 -16.61
C ARG B 8 -17.64 12.55 -15.87
N LYS B 9 -18.29 12.42 -14.72
CA LYS B 9 -18.61 13.58 -13.90
C LYS B 9 -17.38 13.99 -13.09
N PRO B 10 -17.21 15.30 -12.85
CA PRO B 10 -16.05 15.79 -12.09
C PRO B 10 -15.83 15.03 -10.79
N SER B 11 -16.88 14.80 -10.02
CA SER B 11 -16.77 14.09 -8.74
C SER B 11 -16.21 12.68 -8.94
N GLU B 12 -16.60 12.04 -10.04
CA GLU B 12 -16.12 10.69 -10.36
C GLU B 12 -14.62 10.77 -10.64
N ILE B 13 -14.23 11.79 -11.40
CA ILE B 13 -12.82 11.97 -11.74
C ILE B 13 -11.97 12.22 -10.49
N PHE B 14 -12.44 13.12 -9.62
CA PHE B 14 -11.67 13.42 -8.40
C PHE B 14 -11.59 12.23 -7.46
N LYS B 15 -12.66 11.45 -7.37
CA LYS B 15 -12.61 10.30 -6.48
C LYS B 15 -11.59 9.30 -7.03
N ALA B 16 -11.57 9.16 -8.35
CA ALA B 16 -10.64 8.25 -9.02
C ALA B 16 -9.20 8.73 -8.80
N GLN B 17 -8.99 10.04 -8.80
CA GLN B 17 -7.65 10.60 -8.57
C GLN B 17 -7.20 10.23 -7.16
N ALA B 18 -8.10 10.36 -6.19
CA ALA B 18 -7.79 10.04 -4.80
C ALA B 18 -7.40 8.56 -4.71
N LEU B 19 -8.15 7.72 -5.41
CA LEU B 19 -7.88 6.28 -5.41
C LEU B 19 -6.48 6.01 -5.96
N LEU B 20 -6.15 6.66 -7.07
CA LEU B 20 -4.84 6.50 -7.70
C LEU B 20 -3.71 6.93 -6.77
N TYR B 21 -3.86 8.08 -6.12
CA TYR B 21 -2.83 8.55 -5.20
C TYR B 21 -2.62 7.54 -4.09
N LYS B 22 -3.71 6.95 -3.58
CA LYS B 22 -3.60 5.99 -2.51
C LYS B 22 -2.77 4.79 -2.94
N ASN B 23 -3.00 4.30 -4.14
CA ASN B 23 -2.27 3.15 -4.64
C ASN B 23 -0.83 3.44 -5.08
N MET B 24 -0.59 4.61 -5.67
CA MET B 24 0.76 4.91 -6.09
C MET B 24 1.65 5.17 -4.87
N TYR B 25 1.05 5.67 -3.79
CA TYR B 25 1.81 5.94 -2.56
C TYR B 25 1.67 4.83 -1.53
N ALA B 26 1.04 3.72 -1.91
CA ALA B 26 0.86 2.61 -0.99
C ALA B 26 2.16 2.09 -0.37
N PHE B 27 3.27 2.17 -1.11
CA PHE B 27 4.54 1.70 -0.58
C PHE B 27 4.95 2.43 0.70
N VAL B 28 4.40 3.63 0.91
CA VAL B 28 4.71 4.40 2.10
C VAL B 28 4.07 3.73 3.32
N ASP B 29 2.96 3.02 3.10
CA ASP B 29 2.31 2.29 4.19
C ASP B 29 3.34 1.29 4.71
N SER B 30 4.00 0.62 3.77
CA SER B 30 5.00 -0.38 4.09
C SER B 30 6.23 0.26 4.73
N MET B 31 6.72 1.33 4.13
CA MET B 31 7.90 2.02 4.65
C MET B 31 7.71 2.66 6.02
N SER B 32 6.53 3.21 6.30
CA SER B 32 6.29 3.79 7.61
C SER B 32 6.22 2.69 8.68
N LEU B 33 5.69 1.52 8.29
CA LEU B 33 5.60 0.40 9.21
C LEU B 33 7.02 -0.04 9.54
N LYS B 34 7.86 -0.15 8.51
CA LYS B 34 9.25 -0.55 8.68
C LYS B 34 9.96 0.45 9.61
N TRP B 35 9.68 1.73 9.40
CA TRP B 35 10.26 2.78 10.21
C TRP B 35 9.92 2.62 11.69
N SER B 36 8.64 2.39 12.01
CA SER B 36 8.21 2.26 13.40
C SER B 36 8.97 1.13 14.13
N ILE B 37 9.25 0.07 13.39
CA ILE B 37 9.97 -1.09 13.92
C ILE B 37 11.47 -0.79 14.12
N GLU B 38 12.07 -0.11 13.14
CA GLU B 38 13.50 0.22 13.26
C GLU B 38 13.71 1.23 14.38
N MET B 39 12.67 1.98 14.69
CA MET B 39 12.71 2.98 15.75
C MET B 39 12.39 2.34 17.10
N ASN B 40 12.02 1.07 17.08
CA ASN B 40 11.64 0.33 18.28
C ASN B 40 10.51 1.03 19.02
N ILE B 41 9.66 1.73 18.28
CA ILE B 41 8.55 2.44 18.93
C ILE B 41 7.63 1.48 19.69
N PRO B 42 7.27 0.33 19.09
CA PRO B 42 6.40 -0.61 19.80
C PRO B 42 6.98 -0.97 21.18
N ASN B 43 8.27 -1.29 21.21
CA ASN B 43 8.94 -1.64 22.46
C ASN B 43 8.98 -0.50 23.46
N ILE B 44 9.20 0.71 22.98
CA ILE B 44 9.23 1.87 23.87
C ILE B 44 7.88 2.05 24.53
N ILE B 45 6.79 1.91 23.77
CA ILE B 45 5.46 2.07 24.33
C ILE B 45 5.16 0.94 25.31
N HIS B 46 5.55 -0.26 24.94
CA HIS B 46 5.33 -1.42 25.78
C HIS B 46 6.03 -1.23 27.12
N ASN B 47 7.30 -0.85 27.10
CA ASN B 47 8.05 -0.66 28.33
C ASN B 47 7.47 0.45 29.19
N HIS B 48 6.92 1.47 28.54
CA HIS B 48 6.34 2.60 29.26
C HIS B 48 5.20 2.14 30.15
N GLY B 49 4.53 1.07 29.75
CA GLY B 49 3.43 0.53 30.54
C GLY B 49 2.11 1.24 30.41
N LYS B 50 2.07 2.28 29.59
CA LYS B 50 0.85 3.05 29.38
C LYS B 50 1.00 3.90 28.13
N PRO B 51 -0.09 4.54 27.68
CA PRO B 51 0.01 5.37 26.47
C PRO B 51 1.13 6.41 26.66
N ILE B 52 1.96 6.59 25.64
CA ILE B 52 3.05 7.55 25.76
C ILE B 52 2.73 8.84 25.04
N THR B 53 3.05 9.97 25.65
CA THR B 53 2.78 11.25 25.01
C THR B 53 3.83 11.47 23.92
N LEU B 54 3.50 12.30 22.94
CA LEU B 54 4.43 12.58 21.86
C LEU B 54 5.73 13.15 22.41
N SER B 55 5.62 14.10 23.34
CA SER B 55 6.79 14.73 23.93
C SER B 55 7.70 13.71 24.60
N ASN B 56 7.09 12.78 25.33
CA ASN B 56 7.83 11.76 26.03
C ASN B 56 8.46 10.79 25.02
N LEU B 57 7.74 10.53 23.94
CA LEU B 57 8.21 9.60 22.91
C LEU B 57 9.43 10.17 22.18
N VAL B 58 9.31 11.38 21.65
CA VAL B 58 10.43 11.98 20.92
C VAL B 58 11.60 12.25 21.85
N SER B 59 11.31 12.43 23.14
CA SER B 59 12.35 12.66 24.13
C SER B 59 13.18 11.37 24.24
N ILE B 60 12.50 10.24 24.44
CA ILE B 60 13.19 8.97 24.54
C ILE B 60 13.95 8.66 23.24
N LEU B 61 13.31 8.96 22.11
CA LEU B 61 13.93 8.70 20.82
C LEU B 61 15.05 9.69 20.50
N GLN B 62 15.05 10.82 21.20
CA GLN B 62 16.04 11.88 21.00
C GLN B 62 15.93 12.42 19.58
N ILE B 63 14.69 12.69 19.18
CA ILE B 63 14.41 13.23 17.86
C ILE B 63 14.81 14.70 17.79
N PRO B 64 15.44 15.11 16.67
CA PRO B 64 15.84 16.52 16.53
C PRO B 64 14.56 17.34 16.52
N SER B 65 14.58 18.51 17.15
CA SER B 65 13.39 19.36 17.21
C SER B 65 12.73 19.60 15.85
N THR B 66 13.53 19.76 14.80
CA THR B 66 12.97 20.01 13.47
C THR B 66 12.29 18.79 12.82
N LYS B 67 12.33 17.63 13.48
CA LYS B 67 11.67 16.45 12.91
C LYS B 67 10.60 15.89 13.84
N VAL B 68 10.33 16.59 14.93
CA VAL B 68 9.32 16.12 15.87
C VAL B 68 7.95 16.02 15.19
N ASP B 69 7.58 17.04 14.41
CA ASP B 69 6.28 17.01 13.74
C ASP B 69 6.24 15.94 12.65
N ASN B 70 7.40 15.59 12.11
CA ASN B 70 7.46 14.57 11.07
C ASN B 70 7.12 13.22 11.72
N VAL B 71 7.66 13.01 12.91
CA VAL B 71 7.41 11.79 13.66
C VAL B 71 5.93 11.77 14.04
N GLN B 72 5.38 12.94 14.36
CA GLN B 72 3.97 13.05 14.72
C GLN B 72 3.07 12.66 13.55
N ARG B 73 3.43 13.08 12.35
CA ARG B 73 2.64 12.75 11.16
C ARG B 73 2.72 11.27 10.82
N LEU B 74 3.89 10.68 11.05
CA LEU B 74 4.07 9.26 10.78
C LEU B 74 3.22 8.47 11.77
N MET B 75 3.27 8.85 13.04
CA MET B 75 2.49 8.14 14.06
C MET B 75 0.99 8.30 13.80
N ARG B 76 0.59 9.47 13.33
CA ARG B 76 -0.82 9.72 13.04
C ARG B 76 -1.27 8.81 11.89
N TYR B 77 -0.44 8.69 10.86
CA TYR B 77 -0.80 7.84 9.74
C TYR B 77 -0.83 6.37 10.15
N LEU B 78 0.17 5.93 10.92
CA LEU B 78 0.21 4.55 11.37
C LEU B 78 -0.99 4.25 12.27
N ALA B 79 -1.36 5.22 13.11
CA ALA B 79 -2.50 5.06 13.99
C ALA B 79 -3.76 4.84 13.14
N HIS B 80 -3.92 5.64 12.09
CA HIS B 80 -5.08 5.52 11.21
C HIS B 80 -5.15 4.12 10.60
N ASN B 81 -3.99 3.60 10.18
CA ASN B 81 -3.95 2.27 9.58
C ASN B 81 -4.08 1.11 10.56
N GLY B 82 -4.22 1.42 11.85
CA GLY B 82 -4.39 0.38 12.85
C GLY B 82 -3.23 -0.03 13.73
N PHE B 83 -2.11 0.68 13.66
CA PHE B 83 -0.96 0.28 14.47
C PHE B 83 -0.84 0.94 15.84
N PHE B 84 -1.56 2.04 16.04
CA PHE B 84 -1.55 2.73 17.33
C PHE B 84 -2.91 3.34 17.58
N GLU B 85 -3.20 3.60 18.85
CA GLU B 85 -4.45 4.24 19.21
C GLU B 85 -4.03 5.58 19.78
N ILE B 86 -4.62 6.66 19.29
CA ILE B 86 -4.25 7.97 19.78
C ILE B 86 -5.20 8.34 20.92
N ILE B 87 -4.61 8.69 22.06
CA ILE B 87 -5.38 9.09 23.23
C ILE B 87 -5.22 10.60 23.42
N THR B 88 -6.33 11.30 23.60
CA THR B 88 -6.30 12.76 23.76
C THR B 88 -5.87 13.25 25.13
N ASN B 89 -5.55 14.54 25.19
CA ASN B 89 -5.11 15.15 26.44
C ASN B 89 -6.18 15.29 27.51
N GLN B 90 -5.68 15.73 28.67
CA GLN B 90 -6.45 15.97 29.88
C GLN B 90 -7.16 17.32 29.83
N GLU B 91 -6.50 18.29 29.21
CA GLU B 91 -7.02 19.64 29.07
C GLU B 91 -7.60 19.84 27.66
N LEU B 92 -8.45 20.82 27.54
CA LEU B 92 -9.02 21.11 26.24
C LEU B 92 -8.08 22.03 25.49
N GLU B 93 -8.01 22.13 24.19
CA GLU B 93 -7.12 23.28 23.88
C GLU B 93 -5.77 23.08 24.23
N ASN B 94 -5.39 21.94 24.27
CA ASN B 94 -4.06 21.94 24.62
C ASN B 94 -3.68 20.64 24.08
N GLU B 95 -3.03 20.63 22.92
CA GLU B 95 -2.75 19.38 22.30
C GLU B 95 -1.42 18.74 22.66
N GLU B 96 -1.58 17.50 23.03
CA GLU B 96 -0.54 16.56 23.37
C GLU B 96 -1.18 15.23 23.11
N GLU B 97 -1.03 14.47 22.06
CA GLU B 97 -1.78 13.23 22.18
C GLU B 97 -0.87 12.15 22.76
N ALA B 98 -1.42 11.03 23.14
CA ALA B 98 -0.59 9.91 23.59
C ALA B 98 -0.85 8.72 22.68
N TYR B 99 0.11 7.81 22.59
CA TYR B 99 -0.03 6.65 21.72
C TYR B 99 -0.06 5.35 22.49
N ALA B 100 -1.06 4.51 22.18
CA ALA B 100 -1.18 3.22 22.82
C ALA B 100 -1.04 2.17 21.73
N LEU B 101 -0.64 0.97 22.11
CA LEU B 101 -0.49 -0.11 21.14
C LEU B 101 -1.86 -0.68 20.79
N THR B 102 -1.88 -1.49 19.73
CA THR B 102 -3.09 -2.15 19.29
C THR B 102 -2.62 -3.59 19.16
N VAL B 103 -3.53 -4.50 18.81
CA VAL B 103 -3.12 -5.90 18.66
C VAL B 103 -2.05 -5.99 17.57
N ALA B 104 -2.22 -5.21 16.52
CA ALA B 104 -1.27 -5.21 15.41
C ALA B 104 0.13 -4.81 15.86
N SER B 105 0.26 -3.78 16.68
CA SER B 105 1.58 -3.37 17.14
C SER B 105 2.10 -4.24 18.29
N GLU B 106 1.22 -4.94 18.99
CA GLU B 106 1.69 -5.82 20.05
C GLU B 106 2.49 -6.93 19.38
N LEU B 107 2.18 -7.18 18.11
CA LEU B 107 2.88 -8.20 17.33
C LEU B 107 4.23 -7.67 16.86
N LEU B 108 4.50 -6.38 17.11
CA LEU B 108 5.75 -5.77 16.70
C LEU B 108 6.69 -5.56 17.90
N VAL B 109 6.27 -6.00 19.07
CA VAL B 109 7.09 -5.83 20.26
C VAL B 109 8.14 -6.94 20.31
N LYS B 110 9.35 -6.59 19.93
CA LYS B 110 10.46 -7.54 19.91
C LYS B 110 10.68 -8.16 21.30
N GLY B 111 11.07 -9.42 21.32
CA GLY B 111 11.29 -10.08 22.59
C GLY B 111 10.09 -10.88 23.05
N THR B 112 8.91 -10.57 22.49
CA THR B 112 7.70 -11.31 22.85
C THR B 112 7.65 -12.56 21.99
N GLU B 113 6.95 -13.59 22.46
CA GLU B 113 6.87 -14.84 21.73
C GLU B 113 6.29 -14.78 20.32
N LEU B 114 5.22 -14.01 20.13
CA LEU B 114 4.58 -13.91 18.83
C LEU B 114 5.08 -12.79 17.92
N CYS B 115 6.18 -12.14 18.27
CA CYS B 115 6.68 -11.04 17.47
C CYS B 115 6.89 -11.36 15.99
N LEU B 116 6.36 -10.52 15.12
CA LEU B 116 6.48 -10.70 13.67
C LEU B 116 7.40 -9.65 13.03
N ALA B 117 8.02 -8.82 13.87
CA ALA B 117 8.93 -7.79 13.38
C ALA B 117 9.97 -8.36 12.42
N PRO B 118 10.54 -9.54 12.75
CA PRO B 118 11.54 -10.16 11.86
C PRO B 118 10.97 -10.43 10.47
N MET B 119 9.70 -10.82 10.41
CA MET B 119 9.05 -11.09 9.13
C MET B 119 9.04 -9.78 8.32
N VAL B 120 8.63 -8.70 8.97
CA VAL B 120 8.56 -7.40 8.31
C VAL B 120 9.94 -6.92 7.83
N GLU B 121 10.94 -7.06 8.67
CA GLU B 121 12.29 -6.62 8.32
C GLU B 121 12.82 -7.39 7.11
N CYS B 122 12.53 -8.69 7.06
CA CYS B 122 13.00 -9.52 5.96
C CYS B 122 12.30 -9.15 4.65
N VAL B 123 10.97 -9.18 4.68
CA VAL B 123 10.17 -8.84 3.50
C VAL B 123 10.50 -7.43 2.99
N LEU B 124 10.70 -6.50 3.90
CA LEU B 124 10.99 -5.13 3.51
C LEU B 124 12.47 -4.80 3.38
N ASP B 125 13.29 -5.83 3.23
CA ASP B 125 14.72 -5.59 3.04
C ASP B 125 14.80 -4.90 1.69
N PRO B 126 15.58 -3.81 1.60
CA PRO B 126 15.72 -3.06 0.34
C PRO B 126 16.03 -3.93 -0.88
N THR B 127 17.10 -4.72 -0.80
CA THR B 127 17.51 -5.58 -1.91
C THR B 127 16.42 -6.55 -2.33
N LEU B 128 15.80 -7.20 -1.37
CA LEU B 128 14.75 -8.16 -1.67
C LEU B 128 13.46 -7.50 -2.20
N SER B 129 12.97 -6.50 -1.48
CA SER B 129 11.73 -5.83 -1.87
C SER B 129 11.76 -5.05 -3.20
N THR B 130 12.92 -4.51 -3.59
CA THR B 130 12.95 -3.73 -4.84
C THR B 130 12.82 -4.59 -6.09
N SER B 131 12.92 -5.91 -5.95
CA SER B 131 12.77 -6.78 -7.11
C SER B 131 11.42 -6.53 -7.74
N PHE B 132 10.44 -6.14 -6.91
CA PHE B 132 9.09 -5.88 -7.40
C PHE B 132 8.98 -4.68 -8.32
N HIS B 133 10.05 -3.90 -8.45
CA HIS B 133 10.02 -2.75 -9.34
C HIS B 133 10.04 -3.21 -10.79
N ASN B 134 10.53 -4.45 -11.04
CA ASN B 134 10.63 -4.94 -12.41
C ASN B 134 9.68 -6.04 -12.80
N LEU B 135 8.43 -5.92 -12.35
CA LEU B 135 7.43 -6.93 -12.70
C LEU B 135 7.32 -7.12 -14.21
N LYS B 136 7.44 -6.03 -14.96
CA LYS B 136 7.34 -6.14 -16.41
C LYS B 136 8.39 -7.09 -16.97
N LYS B 137 9.66 -6.87 -16.64
CA LYS B 137 10.71 -7.74 -17.15
C LYS B 137 10.41 -9.19 -16.79
N TRP B 138 9.94 -9.41 -15.57
CA TRP B 138 9.63 -10.73 -15.07
C TRP B 138 8.53 -11.47 -15.84
N VAL B 139 7.42 -10.79 -16.15
CA VAL B 139 6.34 -11.48 -16.88
C VAL B 139 6.71 -11.87 -18.31
N TYR B 140 7.81 -11.32 -18.82
CA TYR B 140 8.26 -11.66 -20.18
C TYR B 140 9.33 -12.75 -20.19
N GLU B 141 9.62 -13.29 -19.02
CA GLU B 141 10.61 -14.36 -18.89
C GLU B 141 9.88 -15.67 -18.66
N GLU B 142 10.16 -16.70 -19.48
CA GLU B 142 9.49 -17.98 -19.28
C GLU B 142 9.93 -18.63 -17.97
N ASP B 143 8.98 -19.06 -17.10
CA ASP B 143 9.37 -19.84 -15.91
C ASP B 143 10.17 -19.18 -14.77
N LEU B 144 10.99 -18.16 -15.05
CA LEU B 144 11.82 -17.64 -13.97
C LEU B 144 11.01 -16.99 -12.86
N THR B 145 11.47 -17.14 -11.60
CA THR B 145 10.78 -16.48 -10.50
C THR B 145 11.13 -14.99 -10.56
N LEU B 146 10.45 -14.16 -9.78
CA LEU B 146 10.75 -12.73 -9.78
C LEU B 146 12.20 -12.48 -9.33
N PHE B 147 12.61 -13.18 -8.28
CA PHE B 147 13.96 -13.02 -7.75
C PHE B 147 15.02 -13.47 -8.72
N ALA B 148 14.80 -14.58 -9.40
CA ALA B 148 15.76 -15.07 -10.38
C ALA B 148 16.00 -14.02 -11.45
N VAL B 149 14.92 -13.35 -11.87
CA VAL B 149 15.00 -12.33 -12.91
C VAL B 149 15.68 -11.04 -12.47
N ASN B 150 15.41 -10.59 -11.25
CA ASN B 150 16.01 -9.34 -10.78
C ASN B 150 17.24 -9.45 -9.89
N LEU B 151 17.41 -10.57 -9.21
CA LEU B 151 18.56 -10.78 -8.35
C LEU B 151 19.60 -11.64 -9.06
N GLY B 152 19.19 -12.23 -10.19
CA GLY B 152 20.09 -13.07 -10.94
C GLY B 152 20.02 -14.53 -10.53
N CYS B 153 19.38 -14.81 -9.40
CA CYS B 153 19.26 -16.18 -8.92
C CYS B 153 18.09 -16.33 -7.97
N ASP B 154 17.66 -17.57 -7.77
CA ASP B 154 16.55 -17.87 -6.88
C ASP B 154 16.96 -17.47 -5.46
N LEU B 155 15.96 -17.27 -4.60
CA LEU B 155 16.23 -16.85 -3.24
C LEU B 155 17.18 -17.78 -2.47
N TRP B 156 17.07 -19.09 -2.70
CA TRP B 156 17.95 -20.02 -1.98
C TRP B 156 19.41 -19.78 -2.32
N GLU B 157 19.70 -19.53 -3.59
CA GLU B 157 21.07 -19.30 -4.01
C GLU B 157 21.53 -17.96 -3.45
N PHE B 158 20.64 -16.96 -3.51
CA PHE B 158 20.96 -15.63 -3.01
C PHE B 158 21.43 -15.68 -1.56
N LEU B 159 20.73 -16.46 -0.74
CA LEU B 159 21.06 -16.58 0.66
C LEU B 159 22.40 -17.26 0.87
N ASN B 160 22.71 -18.22 0.00
CA ASN B 160 23.99 -18.91 0.10
C ASN B 160 25.10 -17.91 -0.19
N LYS B 161 24.90 -17.11 -1.22
CA LYS B 161 25.88 -16.11 -1.64
C LYS B 161 26.00 -14.91 -0.73
N ASN B 162 24.93 -14.62 0.02
CA ASN B 162 24.91 -13.48 0.92
C ASN B 162 24.46 -13.91 2.31
N PRO B 163 25.35 -14.59 3.06
CA PRO B 163 25.13 -15.12 4.41
C PRO B 163 24.53 -14.12 5.40
N GLU B 164 24.81 -12.83 5.20
CA GLU B 164 24.30 -11.81 6.10
C GLU B 164 22.78 -11.92 6.21
N TYR B 165 22.14 -12.31 5.11
CA TYR B 165 20.70 -12.45 5.08
C TYR B 165 20.19 -13.72 5.76
N ASN B 166 21.11 -14.55 6.24
CA ASN B 166 20.72 -15.80 6.89
C ASN B 166 19.97 -15.54 8.19
N THR B 167 20.55 -14.73 9.06
CA THR B 167 19.93 -14.40 10.34
C THR B 167 18.59 -13.70 10.12
N LEU B 168 18.46 -13.00 9.00
CA LEU B 168 17.23 -12.28 8.68
C LEU B 168 16.14 -13.25 8.21
N TYR B 169 16.50 -14.15 7.32
CA TYR B 169 15.56 -15.13 6.79
C TYR B 169 15.15 -16.13 7.85
N ASN B 170 16.13 -16.68 8.55
CA ASN B 170 15.87 -17.67 9.60
C ASN B 170 14.97 -17.09 10.68
N ASP B 171 15.26 -15.87 11.10
CA ASP B 171 14.46 -15.21 12.12
C ASP B 171 13.04 -14.98 11.64
N ALA B 172 12.87 -14.66 10.35
CA ALA B 172 11.53 -14.46 9.78
C ALA B 172 10.77 -15.77 9.84
N LEU B 173 11.42 -16.85 9.42
CA LEU B 173 10.82 -18.17 9.43
C LEU B 173 10.51 -18.59 10.86
N ALA B 174 11.35 -18.15 11.79
CA ALA B 174 11.16 -18.46 13.19
C ALA B 174 9.89 -17.78 13.72
N SER B 175 9.64 -16.56 13.26
CA SER B 175 8.45 -15.85 13.71
C SER B 175 7.20 -16.49 13.10
N ASP B 176 7.32 -16.99 11.87
CA ASP B 176 6.19 -17.62 11.23
C ASP B 176 5.80 -18.93 11.92
N SER B 177 6.80 -19.71 12.33
CA SER B 177 6.52 -20.97 13.02
C SER B 177 5.76 -20.73 14.32
N LYS B 178 5.99 -19.59 14.95
CA LYS B 178 5.30 -19.26 16.19
C LYS B 178 3.81 -19.06 15.89
N MET B 179 3.52 -18.49 14.72
CA MET B 179 2.14 -18.29 14.31
C MET B 179 1.53 -19.68 14.06
N ILE B 180 2.32 -20.57 13.47
CA ILE B 180 1.86 -21.94 13.20
C ILE B 180 1.58 -22.66 14.52
N ASN B 181 2.52 -22.56 15.46
CA ASN B 181 2.37 -23.20 16.76
C ASN B 181 1.08 -22.72 17.42
N LEU B 182 0.85 -21.41 17.39
CA LEU B 182 -0.38 -20.86 17.98
C LEU B 182 -1.61 -21.47 17.32
N ALA B 183 -1.61 -21.45 15.99
CA ALA B 183 -2.72 -21.99 15.20
C ALA B 183 -2.97 -23.47 15.54
N MET B 184 -1.91 -24.25 15.59
CA MET B 184 -2.02 -25.67 15.90
C MET B 184 -2.73 -25.92 17.23
N LYS B 185 -2.46 -25.09 18.21
CA LYS B 185 -3.09 -25.26 19.52
C LYS B 185 -4.55 -24.85 19.53
N ASP B 186 -5.02 -24.27 18.43
CA ASP B 186 -6.40 -23.85 18.32
C ASP B 186 -7.15 -24.86 17.44
N CYS B 187 -6.50 -25.97 17.12
CA CYS B 187 -7.08 -27.00 16.27
C CYS B 187 -7.23 -28.35 16.94
N ASN B 188 -7.76 -28.36 18.17
CA ASN B 188 -7.97 -29.59 18.90
C ASN B 188 -8.91 -30.53 18.15
N LEU B 189 -10.09 -30.02 17.80
CA LEU B 189 -11.09 -30.80 17.10
C LEU B 189 -10.57 -31.52 15.85
N VAL B 190 -9.52 -30.99 15.25
CA VAL B 190 -8.95 -31.58 14.04
C VAL B 190 -8.13 -32.83 14.31
N PHE B 191 -7.25 -32.75 15.31
CA PHE B 191 -6.39 -33.87 15.64
C PHE B 191 -6.96 -34.83 16.69
N GLU B 192 -8.19 -34.56 17.12
CA GLU B 192 -8.86 -35.40 18.11
C GLU B 192 -9.20 -36.78 17.56
N GLY B 193 -8.70 -37.83 18.22
CA GLY B 193 -8.99 -39.18 17.77
C GLY B 193 -7.96 -39.77 16.83
N LEU B 194 -6.98 -38.96 16.43
CA LEU B 194 -5.94 -39.43 15.52
C LEU B 194 -4.81 -40.06 16.33
N GLU B 195 -4.35 -41.22 15.88
CA GLU B 195 -3.27 -41.91 16.56
C GLU B 195 -1.97 -41.72 15.79
N SER B 196 -2.10 -41.59 14.47
CA SER B 196 -0.94 -41.40 13.62
C SER B 196 -1.24 -40.40 12.51
N ILE B 197 -0.21 -39.70 12.06
CA ILE B 197 -0.38 -38.75 10.99
C ILE B 197 0.90 -38.70 10.16
N VAL B 198 0.74 -38.45 8.87
CA VAL B 198 1.91 -38.36 8.01
C VAL B 198 1.93 -36.97 7.38
N ASP B 199 2.99 -36.24 7.64
CA ASP B 199 3.14 -34.90 7.08
C ASP B 199 3.82 -35.06 5.73
N VAL B 200 3.02 -35.03 4.68
CA VAL B 200 3.53 -35.19 3.32
C VAL B 200 4.19 -33.91 2.84
N GLY B 201 5.47 -34.00 2.49
CA GLY B 201 6.21 -32.82 2.06
C GLY B 201 6.52 -32.09 3.36
N GLY B 202 6.70 -32.88 4.42
CA GLY B 202 6.96 -32.35 5.74
C GLY B 202 8.25 -31.58 5.96
N GLY B 203 9.08 -31.52 4.93
CA GLY B 203 10.34 -30.79 5.03
C GLY B 203 11.30 -31.32 6.08
N ASN B 204 11.79 -30.43 6.94
CA ASN B 204 12.75 -30.81 7.97
C ASN B 204 12.11 -31.36 9.24
N GLY B 205 10.79 -31.28 9.33
CA GLY B 205 10.12 -31.80 10.51
C GLY B 205 9.63 -30.75 11.50
N THR B 206 9.83 -29.47 11.18
CA THR B 206 9.39 -28.40 12.08
C THR B 206 7.92 -28.55 12.41
N THR B 207 7.09 -28.73 11.39
CA THR B 207 5.66 -28.88 11.61
C THR B 207 5.36 -30.12 12.43
N GLY B 208 6.01 -31.23 12.08
CA GLY B 208 5.80 -32.48 12.80
C GLY B 208 6.14 -32.34 14.28
N LYS B 209 7.19 -31.59 14.56
CA LYS B 209 7.63 -31.37 15.94
C LYS B 209 6.54 -30.60 16.69
N ILE B 210 5.98 -29.59 16.03
CA ILE B 210 4.92 -28.80 16.64
C ILE B 210 3.70 -29.67 16.90
N ILE B 211 3.39 -30.53 15.94
CA ILE B 211 2.25 -31.42 16.06
C ILE B 211 2.43 -32.36 17.24
N CYS B 212 3.55 -33.08 17.27
CA CYS B 212 3.81 -34.02 18.36
C CYS B 212 3.81 -33.34 19.73
N GLU B 213 4.38 -32.14 19.82
CA GLU B 213 4.44 -31.41 21.08
C GLU B 213 3.05 -30.97 21.57
N THR B 214 2.19 -30.59 20.64
CA THR B 214 0.84 -30.15 20.97
C THR B 214 -0.07 -31.34 21.27
N PHE B 215 0.27 -32.49 20.69
CA PHE B 215 -0.52 -33.70 20.88
C PHE B 215 0.44 -34.87 21.14
N PRO B 216 0.97 -34.97 22.37
CA PRO B 216 1.91 -36.04 22.76
C PRO B 216 1.33 -37.42 22.49
N LYS B 217 0.01 -37.44 22.33
CA LYS B 217 -0.77 -38.65 22.06
C LYS B 217 -0.60 -39.13 20.62
N LEU B 218 -0.22 -38.21 19.74
CA LEU B 218 -0.06 -38.51 18.32
C LEU B 218 1.34 -38.95 17.90
N THR B 219 1.41 -39.76 16.86
CA THR B 219 2.67 -40.23 16.30
C THR B 219 2.70 -39.64 14.89
N CYS B 220 3.80 -39.00 14.53
CA CYS B 220 3.91 -38.38 13.22
C CYS B 220 5.08 -38.86 12.39
N VAL B 221 4.83 -39.04 11.10
CA VAL B 221 5.85 -39.47 10.16
C VAL B 221 6.10 -38.33 9.19
N VAL B 222 7.31 -37.78 9.23
CA VAL B 222 7.67 -36.71 8.31
C VAL B 222 8.11 -37.35 7.01
N PHE B 223 7.29 -37.15 5.97
CA PHE B 223 7.55 -37.73 4.66
C PHE B 223 8.00 -36.69 3.64
N ASP B 224 9.14 -36.93 3.00
CA ASP B 224 9.63 -36.02 1.99
C ASP B 224 10.65 -36.73 1.09
N ARG B 225 11.22 -36.02 0.14
CA ARG B 225 12.19 -36.60 -0.77
C ARG B 225 13.34 -37.21 0.05
N PRO B 226 13.92 -38.32 -0.45
CA PRO B 226 15.02 -39.00 0.24
C PRO B 226 16.14 -38.06 0.71
N LYS B 227 16.62 -37.21 -0.20
CA LYS B 227 17.70 -36.28 0.15
C LYS B 227 17.31 -35.16 1.09
N VAL B 228 16.02 -34.99 1.35
CA VAL B 228 15.54 -33.93 2.24
C VAL B 228 15.60 -34.36 3.71
N VAL B 229 15.23 -35.60 3.97
CA VAL B 229 15.24 -36.14 5.34
C VAL B 229 16.39 -37.10 5.53
N GLU B 230 17.26 -37.18 4.52
CA GLU B 230 18.40 -38.08 4.54
C GLU B 230 19.13 -38.18 5.87
N ASN B 231 19.49 -37.05 6.46
CA ASN B 231 20.21 -37.05 7.72
C ASN B 231 19.46 -36.35 8.86
N LEU B 232 18.18 -36.66 9.00
CA LEU B 232 17.36 -36.05 10.05
C LEU B 232 16.94 -37.08 11.10
N CYS B 233 16.96 -36.67 12.36
CA CYS B 233 16.57 -37.55 13.45
C CYS B 233 15.30 -37.01 14.12
N GLY B 234 14.41 -37.92 14.50
CA GLY B 234 13.17 -37.50 15.14
C GLY B 234 13.04 -37.94 16.58
N SER B 235 12.01 -37.42 17.26
CA SER B 235 11.72 -37.76 18.63
C SER B 235 11.08 -39.12 18.75
N ASN B 236 10.61 -39.48 19.93
CA ASN B 236 10.02 -40.80 20.15
C ASN B 236 8.72 -41.02 19.39
N ASN B 237 8.03 -39.92 19.08
CA ASN B 237 6.76 -39.99 18.34
C ASN B 237 6.96 -39.46 16.93
N LEU B 238 8.19 -39.08 16.60
CA LEU B 238 8.50 -38.54 15.29
C LEU B 238 9.56 -39.34 14.55
N THR B 239 9.28 -39.69 13.31
CA THR B 239 10.22 -40.44 12.48
C THR B 239 10.21 -39.84 11.07
N TYR B 240 11.24 -40.15 10.29
CA TYR B 240 11.36 -39.64 8.94
C TYR B 240 11.35 -40.76 7.89
N VAL B 241 10.72 -40.49 6.76
CA VAL B 241 10.64 -41.44 5.67
C VAL B 241 10.83 -40.74 4.33
N GLY B 242 11.76 -41.24 3.53
CA GLY B 242 12.00 -40.66 2.22
C GLY B 242 11.21 -41.36 1.14
N GLY B 243 10.76 -40.61 0.16
CA GLY B 243 9.99 -41.21 -0.92
C GLY B 243 9.50 -40.19 -1.93
N ASP B 244 8.38 -40.50 -2.57
CA ASP B 244 7.79 -39.62 -3.56
C ASP B 244 6.27 -39.72 -3.46
N MET B 245 5.64 -38.63 -3.02
CA MET B 245 4.20 -38.58 -2.85
C MET B 245 3.43 -38.96 -4.12
N PHE B 246 4.05 -38.77 -5.29
CA PHE B 246 3.38 -39.13 -6.54
C PHE B 246 3.37 -40.64 -6.74
N ILE B 247 4.32 -41.30 -6.09
CA ILE B 247 4.46 -42.74 -6.21
C ILE B 247 3.73 -43.48 -5.10
N SER B 248 4.06 -43.16 -3.85
CA SER B 248 3.43 -43.80 -2.71
C SER B 248 3.55 -43.00 -1.41
N VAL B 249 2.44 -42.91 -0.69
CA VAL B 249 2.41 -42.19 0.58
C VAL B 249 2.15 -43.16 1.72
N PRO B 250 2.99 -43.14 2.77
CA PRO B 250 2.79 -44.05 3.89
C PRO B 250 1.39 -43.96 4.50
N LYS B 251 0.88 -45.11 4.96
CA LYS B 251 -0.46 -45.16 5.55
C LYS B 251 -0.49 -44.51 6.93
N ALA B 252 -1.66 -43.99 7.30
CA ALA B 252 -1.84 -43.35 8.60
C ALA B 252 -3.30 -42.92 8.77
N ASP B 253 -3.68 -42.51 9.97
CA ASP B 253 -5.05 -42.06 10.22
C ASP B 253 -5.34 -40.77 9.46
N ALA B 254 -4.30 -39.97 9.24
CA ALA B 254 -4.46 -38.72 8.53
C ALA B 254 -3.19 -38.33 7.80
N VAL B 255 -3.37 -37.62 6.70
CA VAL B 255 -2.28 -37.12 5.86
C VAL B 255 -2.37 -35.59 5.92
N LEU B 256 -1.22 -34.93 6.09
CA LEU B 256 -1.17 -33.47 6.13
C LEU B 256 -0.38 -32.95 4.94
N LEU B 257 -0.92 -31.91 4.31
CA LEU B 257 -0.29 -31.26 3.17
C LEU B 257 -0.32 -29.77 3.47
N LYS B 258 0.76 -29.28 4.06
CA LYS B 258 0.86 -27.86 4.41
C LYS B 258 1.79 -27.13 3.44
N ALA B 259 1.25 -26.11 2.78
CA ALA B 259 2.03 -25.32 1.83
C ALA B 259 2.73 -26.22 0.82
N VAL B 260 2.01 -27.20 0.30
CA VAL B 260 2.56 -28.12 -0.70
C VAL B 260 1.79 -27.99 -1.99
N LEU B 261 0.48 -28.19 -1.92
CA LEU B 261 -0.35 -28.14 -3.10
C LEU B 261 -0.32 -26.83 -3.88
N HIS B 262 0.00 -25.72 -3.20
CA HIS B 262 0.03 -24.45 -3.90
C HIS B 262 1.16 -24.32 -4.93
N ASP B 263 2.14 -25.22 -4.90
CA ASP B 263 3.18 -25.12 -5.91
C ASP B 263 3.07 -26.15 -7.03
N TRP B 264 1.92 -26.81 -7.13
CA TRP B 264 1.68 -27.79 -8.18
C TRP B 264 0.44 -27.43 -8.99
N THR B 265 0.46 -27.76 -10.28
CA THR B 265 -0.69 -27.47 -11.14
C THR B 265 -1.84 -28.37 -10.71
N ASP B 266 -3.05 -28.05 -11.18
CA ASP B 266 -4.22 -28.84 -10.84
C ASP B 266 -3.99 -30.33 -11.10
N LYS B 267 -3.45 -30.63 -12.28
CA LYS B 267 -3.19 -32.01 -12.68
C LYS B 267 -2.33 -32.76 -11.68
N ASP B 268 -1.25 -32.13 -11.22
CA ASP B 268 -0.38 -32.78 -10.26
C ASP B 268 -1.02 -32.90 -8.89
N CYS B 269 -1.80 -31.89 -8.50
CA CYS B 269 -2.47 -31.94 -7.21
C CYS B 269 -3.41 -33.14 -7.18
N ILE B 270 -4.13 -33.36 -8.27
CA ILE B 270 -5.05 -34.49 -8.38
C ILE B 270 -4.26 -35.77 -8.12
N LYS B 271 -3.07 -35.88 -8.73
CA LYS B 271 -2.22 -37.05 -8.54
C LYS B 271 -1.86 -37.24 -7.08
N ILE B 272 -1.40 -36.16 -6.45
CA ILE B 272 -1.02 -36.20 -5.04
C ILE B 272 -2.23 -36.56 -4.17
N LEU B 273 -3.35 -35.89 -4.39
CA LEU B 273 -4.55 -36.15 -3.59
C LEU B 273 -5.02 -37.60 -3.69
N LYS B 274 -4.89 -38.21 -4.86
CA LYS B 274 -5.29 -39.61 -5.03
C LYS B 274 -4.38 -40.50 -4.20
N LYS B 275 -3.07 -40.26 -4.28
CA LYS B 275 -2.11 -41.03 -3.51
C LYS B 275 -2.35 -40.87 -2.02
N CYS B 276 -2.75 -39.67 -1.60
CA CYS B 276 -3.03 -39.42 -0.20
C CYS B 276 -4.34 -40.11 0.20
N LYS B 277 -5.28 -40.22 -0.74
CA LYS B 277 -6.54 -40.87 -0.44
C LYS B 277 -6.31 -42.33 -0.04
N GLU B 278 -5.64 -43.09 -0.90
CA GLU B 278 -5.40 -44.48 -0.58
C GLU B 278 -4.57 -44.63 0.70
N ALA B 279 -3.79 -43.60 1.01
CA ALA B 279 -2.97 -43.63 2.20
C ALA B 279 -3.83 -43.72 3.47
N VAL B 280 -5.00 -43.07 3.46
CA VAL B 280 -5.87 -43.07 4.63
C VAL B 280 -7.12 -43.93 4.46
N THR B 281 -7.13 -44.80 3.46
CA THR B 281 -8.30 -45.67 3.25
C THR B 281 -7.87 -47.12 3.00
N SER B 282 -6.73 -47.49 3.56
CA SER B 282 -6.22 -48.85 3.42
C SER B 282 -6.50 -49.62 4.70
N ASP B 283 -6.43 -50.95 4.61
CA ASP B 283 -6.67 -51.80 5.77
C ASP B 283 -8.08 -51.57 6.30
N GLY B 284 -9.03 -51.39 5.40
CA GLY B 284 -10.42 -51.17 5.82
C GLY B 284 -10.67 -49.91 6.62
N LYS B 285 -9.63 -49.13 6.87
CA LYS B 285 -9.77 -47.89 7.63
C LYS B 285 -10.21 -46.74 6.74
N ARG B 286 -10.76 -45.69 7.37
CA ARG B 286 -11.22 -44.51 6.64
C ARG B 286 -10.79 -43.25 7.38
N GLY B 287 -9.66 -42.69 6.96
CA GLY B 287 -9.16 -41.49 7.59
C GLY B 287 -9.54 -40.26 6.81
N LYS B 288 -8.71 -39.22 6.91
CA LYS B 288 -8.97 -37.97 6.23
C LYS B 288 -7.65 -37.32 5.84
N VAL B 289 -7.73 -36.43 4.86
CA VAL B 289 -6.55 -35.70 4.39
C VAL B 289 -6.70 -34.26 4.89
N ILE B 290 -5.60 -33.71 5.39
CA ILE B 290 -5.65 -32.34 5.89
C ILE B 290 -4.77 -31.43 5.04
N VAL B 291 -5.36 -30.37 4.52
CA VAL B 291 -4.62 -29.41 3.71
C VAL B 291 -4.57 -28.06 4.42
N ILE B 292 -3.37 -27.52 4.58
CA ILE B 292 -3.22 -26.21 5.20
C ILE B 292 -2.62 -25.31 4.13
N ASP B 293 -3.44 -24.43 3.59
CA ASP B 293 -3.01 -23.52 2.56
C ASP B 293 -4.04 -22.40 2.49
N MET B 294 -3.83 -21.44 1.61
CA MET B 294 -4.75 -20.34 1.49
C MET B 294 -6.00 -20.75 0.73
N VAL B 295 -7.14 -20.22 1.19
CA VAL B 295 -8.41 -20.48 0.54
C VAL B 295 -9.04 -19.14 0.27
N ILE B 296 -9.02 -18.75 -1.00
CA ILE B 296 -9.61 -17.51 -1.43
C ILE B 296 -11.12 -17.73 -1.62
N ASN B 297 -11.92 -16.79 -1.20
CA ASN B 297 -13.38 -16.84 -1.26
C ASN B 297 -13.85 -15.41 -1.16
N GLU B 298 -14.11 -14.73 -2.24
CA GLU B 298 -14.59 -13.37 -2.08
C GLU B 298 -15.99 -13.31 -1.48
N LYS B 299 -16.74 -14.41 -1.57
CA LYS B 299 -18.12 -14.44 -1.08
C LYS B 299 -18.26 -14.63 0.43
N LYS B 300 -17.27 -15.23 1.08
CA LYS B 300 -17.38 -15.44 2.52
C LYS B 300 -16.37 -14.68 3.37
N ASP B 301 -15.27 -14.25 2.77
CA ASP B 301 -14.25 -13.53 3.54
C ASP B 301 -14.55 -12.05 3.70
N GLU B 302 -14.05 -11.49 4.79
CA GLU B 302 -14.19 -10.06 5.09
C GLU B 302 -13.48 -9.33 3.95
N ASN B 303 -13.93 -8.12 3.62
CA ASN B 303 -13.31 -7.35 2.54
C ASN B 303 -11.80 -7.22 2.68
N GLN B 304 -11.33 -6.88 3.87
CA GLN B 304 -9.90 -6.73 4.10
C GLN B 304 -9.15 -8.05 3.96
N LEU B 305 -9.77 -9.16 4.35
CA LEU B 305 -9.10 -10.45 4.24
C LEU B 305 -8.92 -10.81 2.77
N THR B 306 -9.97 -10.63 1.97
CA THR B 306 -9.90 -10.91 0.55
C THR B 306 -8.82 -10.04 -0.08
N GLN B 307 -8.71 -8.81 0.41
CA GLN B 307 -7.72 -7.85 -0.06
C GLN B 307 -6.31 -8.44 0.03
N ILE B 308 -5.92 -8.83 1.25
CA ILE B 308 -4.59 -9.38 1.45
C ILE B 308 -4.40 -10.74 0.76
N LYS B 309 -5.44 -11.57 0.71
CA LYS B 309 -5.28 -12.87 0.04
C LYS B 309 -5.02 -12.66 -1.46
N LEU B 310 -5.72 -11.71 -2.06
CA LEU B 310 -5.54 -11.42 -3.48
C LEU B 310 -4.16 -10.80 -3.73
N LEU B 311 -3.65 -10.09 -2.73
CA LEU B 311 -2.32 -9.49 -2.81
C LEU B 311 -1.31 -10.65 -2.69
N MET B 312 -1.48 -11.49 -1.67
CA MET B 312 -0.57 -12.63 -1.50
C MET B 312 -0.63 -13.57 -2.69
N ASN B 313 -1.78 -13.62 -3.35
CA ASN B 313 -1.97 -14.45 -4.53
C ASN B 313 -0.93 -14.00 -5.56
N VAL B 314 -0.73 -12.69 -5.65
CA VAL B 314 0.22 -12.14 -6.59
C VAL B 314 1.66 -12.35 -6.11
N THR B 315 1.94 -12.07 -4.84
CA THR B 315 3.29 -12.23 -4.33
C THR B 315 3.78 -13.66 -4.37
N ILE B 316 2.88 -14.60 -4.11
CA ILE B 316 3.27 -16.00 -4.12
C ILE B 316 3.54 -16.45 -5.56
N SER B 317 2.83 -15.87 -6.52
CA SER B 317 3.05 -16.26 -7.92
C SER B 317 4.44 -15.81 -8.39
N CYS B 318 5.01 -14.82 -7.71
CA CYS B 318 6.34 -14.32 -8.06
C CYS B 318 7.40 -15.37 -7.76
N VAL B 319 7.01 -16.37 -6.96
CA VAL B 319 7.92 -17.47 -6.62
C VAL B 319 7.34 -18.75 -7.20
N ASN B 320 6.45 -18.57 -8.19
CA ASN B 320 5.79 -19.67 -8.89
C ASN B 320 4.72 -20.44 -8.11
N GLY B 321 4.19 -19.82 -7.06
CA GLY B 321 3.15 -20.46 -6.28
C GLY B 321 1.79 -20.16 -6.90
N LYS B 322 0.82 -21.04 -6.71
CA LYS B 322 -0.52 -20.85 -7.26
C LYS B 322 -1.56 -21.02 -6.16
N GLU B 323 -2.09 -19.91 -5.65
CA GLU B 323 -3.11 -19.98 -4.61
C GLU B 323 -4.46 -20.24 -5.25
N ARG B 324 -5.36 -20.90 -4.51
CA ARG B 324 -6.67 -21.25 -5.07
C ARG B 324 -7.86 -20.77 -4.26
N ASN B 325 -8.97 -20.52 -4.97
CA ASN B 325 -10.20 -20.13 -4.29
C ASN B 325 -10.93 -21.41 -3.93
N GLU B 326 -11.92 -21.32 -3.05
CA GLU B 326 -12.64 -22.51 -2.62
C GLU B 326 -13.19 -23.36 -3.75
N GLU B 327 -13.79 -22.72 -4.75
CA GLU B 327 -14.37 -23.44 -5.87
C GLU B 327 -13.32 -24.34 -6.53
N GLU B 328 -12.10 -23.82 -6.69
CA GLU B 328 -11.00 -24.58 -7.30
C GLU B 328 -10.59 -25.75 -6.44
N TRP B 329 -10.49 -25.52 -5.14
CA TRP B 329 -10.14 -26.58 -4.22
C TRP B 329 -11.18 -27.68 -4.32
N LYS B 330 -12.45 -27.27 -4.25
CA LYS B 330 -13.55 -28.21 -4.32
C LYS B 330 -13.46 -29.08 -5.56
N LYS B 331 -13.16 -28.46 -6.70
CA LYS B 331 -13.06 -29.22 -7.94
C LYS B 331 -11.92 -30.24 -7.92
N LEU B 332 -10.82 -29.89 -7.25
CA LEU B 332 -9.68 -30.82 -7.16
C LEU B 332 -10.06 -31.99 -6.26
N PHE B 333 -10.78 -31.71 -5.18
CA PHE B 333 -11.18 -32.77 -4.26
C PHE B 333 -12.15 -33.73 -4.95
N ILE B 334 -13.08 -33.18 -5.73
CA ILE B 334 -14.07 -33.99 -6.46
C ILE B 334 -13.35 -34.91 -7.45
N GLU B 335 -12.57 -34.33 -8.33
CA GLU B 335 -11.84 -35.11 -9.33
C GLU B 335 -10.89 -36.11 -8.69
N ALA B 336 -10.46 -35.84 -7.45
CA ALA B 336 -9.54 -36.72 -6.75
C ALA B 336 -10.24 -37.92 -6.12
N GLY B 337 -11.57 -37.90 -6.08
CA GLY B 337 -12.31 -39.02 -5.53
C GLY B 337 -12.78 -38.89 -4.09
N PHE B 338 -12.66 -37.70 -3.50
CA PHE B 338 -13.11 -37.49 -2.13
C PHE B 338 -14.60 -37.18 -2.16
N GLN B 339 -15.29 -37.39 -1.04
CA GLN B 339 -16.73 -37.16 -1.00
C GLN B 339 -17.14 -35.82 -0.40
N ASP B 340 -16.36 -35.30 0.53
CA ASP B 340 -16.70 -34.03 1.16
C ASP B 340 -15.50 -33.38 1.85
N TYR B 341 -15.65 -32.12 2.23
CA TYR B 341 -14.59 -31.40 2.90
C TYR B 341 -15.14 -30.36 3.87
N LYS B 342 -14.28 -29.89 4.76
CA LYS B 342 -14.62 -28.88 5.74
C LYS B 342 -13.48 -27.92 5.90
N ILE B 343 -13.76 -26.62 5.85
CA ILE B 343 -12.71 -25.62 5.99
C ILE B 343 -12.80 -24.89 7.33
N SER B 344 -11.67 -24.78 8.02
CA SER B 344 -11.63 -24.13 9.32
C SER B 344 -10.55 -23.09 9.39
N PRO B 345 -10.66 -22.09 10.29
CA PRO B 345 -9.62 -21.03 10.53
C PRO B 345 -8.30 -21.57 11.00
N PHE B 346 -7.23 -21.06 10.46
CA PHE B 346 -5.95 -21.57 10.83
C PHE B 346 -5.03 -20.56 11.45
N THR B 347 -4.66 -19.68 10.53
CA THR B 347 -3.87 -18.50 10.73
C THR B 347 -4.58 -17.37 10.00
N GLY B 348 -3.95 -16.24 9.99
CA GLY B 348 -4.55 -15.06 9.38
C GLY B 348 -4.81 -15.23 7.90
N LEU B 349 -3.92 -15.92 7.20
CA LEU B 349 -4.05 -16.07 5.75
C LEU B 349 -4.29 -17.51 5.28
N MET B 350 -3.88 -18.49 6.09
CA MET B 350 -4.07 -19.88 5.74
C MET B 350 -5.24 -20.52 6.46
N SER B 351 -5.88 -21.47 5.79
CA SER B 351 -7.00 -22.18 6.36
C SER B 351 -6.60 -23.65 6.49
N LEU B 352 -7.42 -24.41 7.22
CA LEU B 352 -7.17 -25.83 7.38
C LEU B 352 -8.36 -26.55 6.78
N ILE B 353 -8.10 -27.37 5.78
CA ILE B 353 -9.17 -28.10 5.12
C ILE B 353 -9.09 -29.57 5.45
N GLU B 354 -10.20 -30.13 5.91
CA GLU B 354 -10.27 -31.55 6.21
C GLU B 354 -10.99 -32.13 5.01
N ILE B 355 -10.37 -33.12 4.37
CA ILE B 355 -10.97 -33.77 3.20
C ILE B 355 -11.34 -35.20 3.57
N TYR B 356 -12.57 -35.59 3.28
CA TYR B 356 -13.02 -36.94 3.60
C TYR B 356 -13.23 -37.78 2.35
N PRO B 357 -12.56 -38.94 2.28
CA PRO B 357 -12.68 -39.84 1.12
C PRO B 357 -14.08 -40.41 0.98
K K C . -0.99 21.18 0.22
K K D . -9.33 -10.26 22.50
K K E . -13.77 -0.73 -21.79
K K F . 0.58 11.19 -20.79
K K G . 14.11 17.97 -1.85
K K H . 10.95 43.37 -3.28
K K I . -10.04 19.16 12.38
K K J . 20.28 6.31 12.23
N SAH K . 0.61 28.56 -7.04
CA SAH K . 1.56 27.44 -7.50
CB SAH K . 2.28 26.74 -6.54
CG SAH K . 3.06 27.48 -5.67
SD SAH K . 4.78 26.85 -5.76
C SAH K . 0.72 26.42 -8.35
O SAH K . -0.50 26.61 -8.52
OXT SAH K . 1.38 25.42 -8.82
C5' SAH K . 5.41 27.94 -4.55
C4' SAH K . 5.64 29.38 -5.22
O4' SAH K . 6.11 30.17 -4.13
C3' SAH K . 6.74 29.47 -6.24
O3' SAH K . 6.23 29.90 -7.51
C2' SAH K . 7.75 30.48 -5.56
O2' SAH K . 8.54 31.21 -6.47
C1' SAH K . 6.80 31.31 -4.71
N9 SAH K . 7.34 32.05 -3.74
C8 SAH K . 8.23 31.77 -2.71
N7 SAH K . 8.51 32.79 -1.94
C5 SAH K . 7.76 33.86 -2.48
C6 SAH K . 7.66 35.24 -2.09
N6 SAH K . 8.31 35.77 -1.05
N1 SAH K . 6.82 36.01 -2.87
C2 SAH K . 6.13 35.52 -3.94
N3 SAH K . 6.21 34.20 -4.35
C4 SAH K . 7.03 33.43 -3.58
C2 QSO L . 6.80 13.79 -2.32
C4 QSO L . 7.44 14.09 -4.69
O4 QSO L . 9.11 8.59 -4.44
C4A QSO L . 7.90 12.65 -4.67
C8A QSO L . 7.74 11.92 -3.42
C7 QSO L . 8.72 9.89 -4.52
C6 QSO L . 8.86 10.64 -5.72
C5 QSO L . 8.47 12.00 -5.83
C8 QSO L . 8.16 10.56 -3.39
C3 QSO L . 6.86 14.64 -3.39
O1 QSO L . 7.21 12.48 -2.28
C1' QSO L . 6.38 16.06 -3.30
O2 QSO L . 7.53 14.81 -5.69
C2' QSO L . 7.25 17.18 -3.40
C3' QSO L . 6.75 18.51 -3.32
C4' QSO L . 5.35 18.78 -3.13
C5' QSO L . 4.48 17.65 -3.04
C6' QSO L . 4.98 16.32 -3.12
O5 QSO L . 4.86 20.07 -3.04
O3 QSO L . 8.65 12.62 -7.04
CM QSO L . 5.15 20.74 -1.83
K K M . -13.76 -16.58 -5.21
K K N . 12.66 -18.01 -5.39
K K O . -0.50 -21.45 -0.29
K K P . 24.44 -11.76 -5.15
K K Q . 10.09 -1.06 -2.21
N SAH R . 5.05 -28.63 4.58
CA SAH R . 6.23 -27.64 4.64
CB SAH R . 6.71 -27.08 3.46
CG SAH R . 7.10 -27.96 2.47
SD SAH R . 7.62 -26.93 1.03
C SAH R . 5.84 -26.48 5.62
O SAH R . 4.73 -26.48 6.16
OXT SAH R . 6.74 -25.57 5.78
C5' SAH R . 7.34 -28.05 -0.29
C4' SAH R . 7.99 -29.47 0.05
O4' SAH R . 7.69 -30.28 -1.08
C3' SAH R . 9.49 -29.53 0.15
O3' SAH R . 9.90 -29.86 1.47
C2' SAH R . 9.86 -30.61 -0.94
O2' SAH R . 11.03 -31.34 -0.60
C1' SAH R . 8.57 -31.43 -1.00
N9 SAH R . 8.40 -32.20 -2.08
C8 SAH R . 8.47 -31.96 -3.44
N7 SAH R . 8.23 -32.99 -4.19
C5 SAH R . 7.94 -34.04 -3.28
C6 SAH R . 7.59 -35.42 -3.48
N6 SAH R . 7.46 -35.97 -4.70
N1 SAH R . 7.39 -36.15 -2.33
C2 SAH R . 7.51 -35.62 -1.08
N3 SAH R . 7.84 -34.29 -0.83
C4 SAH R . 8.05 -33.57 -1.99
C2 QSO S . 6.92 -13.35 -0.91
C4 QSO S . 8.92 -13.88 0.46
O4 QSO S . 10.60 -8.52 -0.73
C4A QSO S . 9.41 -12.47 0.17
C8A QSO S . 8.56 -11.64 -0.66
C7 QSO S . 10.22 -9.78 -0.44
C6 QSO S . 11.03 -10.64 0.37
C5 QSO S . 10.66 -11.98 0.69
C8 QSO S . 9.00 -10.31 -0.93
C3 QSO S . 7.58 -14.28 -0.15
O1 QSO S . 7.35 -12.05 -1.19
C1' QSO S . 7.02 -15.63 0.09
O2 QSO S . 9.56 -14.67 1.15
C2' QSO S . 7.20 -16.74 -0.80
C3' QSO S . 6.63 -18.01 -0.51
C4' QSO S . 5.86 -18.24 0.67
C5' QSO S . 5.68 -17.13 1.56
C6' QSO S . 6.24 -15.86 1.27
O5 QSO S . 5.31 -19.48 0.94
O3 QSO S . 11.51 -12.72 1.47
CM QSO S . 3.89 -19.52 0.89
#